data_1DDZ
#
_entry.id   1DDZ
#
_cell.length_a   63.500
_cell.length_b   112.800
_cell.length_c   73.200
_cell.angle_alpha   90.00
_cell.angle_beta   103.60
_cell.angle_gamma   90.00
#
_symmetry.space_group_name_H-M   'P 1 21 1'
#
loop_
_entity.id
_entity.type
_entity.pdbx_description
1 polymer 'CARBONIC ANHYDRASE'
2 non-polymer 'ZINC ION'
3 water water
#
_entity_poly.entity_id   1
_entity_poly.type   'polypeptide(L)'
_entity_poly.pdbx_seq_one_letter_code
;VKLAAGMGVMSDLEKKFIELEAKLVAQPAGQAMPGKSNIFANNEAWRQEMLKQDPEFFNRLANGQSPEYLWIGCADSRVP
ANQLLDLPAGEVFVHRNIANQCIHSDISFLSVLQYAVQYLKVKHILVCGHYGCGGAKAALGDSRLGLIDNWLRHIRDVRR
MNAKYLDKCKDGDEELNRLIELNVLEQVHNVCATSIVQDAWDAGQELTVQGVVYGVGDGKLRDLGVVVNSSDDISKFYRT
KSDSGALKAGNPNAPLVQVTKGGESELDSTMEKLTAELVQQTPGKLKEGANRVFVNNENWRQKMLKQDPQFFSNLAHTQT
PEILWIGCADSRVPANQIINLPAGEVFVHRNIANQCIHSDMSFLSVLQYAVQYLKVKRVVVCGHYACGGCAAALGDSRLG
LIDNWLRHIRDVRRHNQAELSRITDPKDSLNRLIEINVLEQMHNVCATSIVQDAWDAGQELEVQGVVYGVGDGKLRDMGV
VAKANDDIGQIFRTKQ
;
_entity_poly.pdbx_strand_id   A,B
#
loop_
_chem_comp.id
_chem_comp.type
_chem_comp.name
_chem_comp.formula
ZN non-polymer 'ZINC ION' 'Zn 2'
#
# COMPACT_ATOMS: atom_id res chain seq x y z
N VAL A 9 -5.94 -15.25 28.21
CA VAL A 9 -6.77 -14.03 27.94
C VAL A 9 -6.91 -13.80 26.42
N MET A 10 -7.59 -14.73 25.76
CA MET A 10 -7.79 -14.65 24.32
C MET A 10 -9.15 -14.05 24.11
N SER A 11 -9.37 -13.42 22.97
CA SER A 11 -10.68 -12.85 22.70
C SER A 11 -11.53 -13.99 22.17
N ASP A 12 -12.83 -13.73 22.06
CA ASP A 12 -13.74 -14.71 21.53
C ASP A 12 -13.38 -15.10 20.11
N LEU A 13 -12.91 -14.13 19.31
CA LEU A 13 -12.51 -14.44 17.94
C LEU A 13 -11.38 -15.46 17.98
N GLU A 14 -10.37 -15.19 18.81
CA GLU A 14 -9.22 -16.07 18.97
C GLU A 14 -9.64 -17.49 19.36
N LYS A 15 -10.55 -17.61 20.32
CA LYS A 15 -11.02 -18.91 20.76
C LYS A 15 -11.70 -19.61 19.60
N LYS A 16 -12.59 -18.88 18.95
CA LYS A 16 -13.30 -19.40 17.79
C LYS A 16 -12.33 -19.98 16.75
N PHE A 17 -11.26 -19.28 16.44
CA PHE A 17 -10.37 -19.84 15.44
C PHE A 17 -9.57 -21.06 15.88
N ILE A 18 -9.24 -21.14 17.16
CA ILE A 18 -8.53 -22.30 17.70
C ILE A 18 -9.45 -23.50 17.47
N GLU A 19 -10.73 -23.29 17.69
CA GLU A 19 -11.75 -24.33 17.50
C GLU A 19 -11.84 -24.73 16.01
N LEU A 20 -11.82 -23.74 15.11
CA LEU A 20 -11.89 -24.00 13.68
C LEU A 20 -10.63 -24.71 13.18
N GLU A 21 -9.49 -24.37 13.74
CA GLU A 21 -8.26 -25.02 13.33
C GLU A 21 -8.30 -26.52 13.67
N ALA A 22 -8.80 -26.84 14.86
CA ALA A 22 -8.92 -28.23 15.30
C ALA A 22 -9.83 -29.01 14.36
N LYS A 23 -10.93 -28.37 13.99
CA LYS A 23 -11.88 -29.01 13.07
C LYS A 23 -11.22 -29.28 11.71
N LEU A 24 -10.40 -28.35 11.24
CA LEU A 24 -9.73 -28.53 9.94
C LEU A 24 -8.68 -29.63 9.98
N VAL A 25 -7.81 -29.52 10.99
CA VAL A 25 -6.70 -30.45 11.21
C VAL A 25 -7.11 -31.91 11.46
N ALA A 26 -8.37 -32.12 11.82
CA ALA A 26 -8.89 -33.47 12.04
C ALA A 26 -9.24 -34.18 10.72
N GLN A 27 -9.23 -33.44 9.61
CA GLN A 27 -9.55 -33.99 8.28
C GLN A 27 -8.22 -33.95 7.52
N PRO A 28 -7.97 -34.95 6.68
CA PRO A 28 -6.70 -34.91 5.96
C PRO A 28 -6.72 -33.87 4.83
N ALA A 29 -5.52 -33.41 4.50
CA ALA A 29 -5.28 -32.43 3.46
C ALA A 29 -6.03 -32.81 2.20
N GLY A 30 -6.87 -31.90 1.72
CA GLY A 30 -7.61 -32.16 0.50
C GLY A 30 -8.87 -32.98 0.65
N GLN A 31 -9.17 -33.40 1.86
CA GLN A 31 -10.37 -34.20 2.05
C GLN A 31 -11.45 -33.54 2.89
N ALA A 32 -11.29 -32.26 3.23
CA ALA A 32 -12.31 -31.58 4.01
C ALA A 32 -13.68 -31.77 3.31
N MET A 33 -14.75 -31.94 4.07
CA MET A 33 -16.06 -32.15 3.47
C MET A 33 -16.79 -30.83 3.27
N PRO A 34 -17.78 -30.82 2.36
CA PRO A 34 -18.57 -29.62 2.11
C PRO A 34 -19.28 -29.33 3.43
N GLY A 35 -19.64 -28.07 3.65
CA GLY A 35 -20.29 -27.69 4.89
C GLY A 35 -21.81 -27.56 4.91
N LYS A 36 -22.28 -26.63 5.74
CA LYS A 36 -23.72 -26.38 5.94
C LYS A 36 -24.43 -25.40 4.97
N SER A 37 -23.83 -24.24 4.77
CA SER A 37 -24.40 -23.21 3.92
C SER A 37 -25.00 -23.71 2.61
N ASN A 38 -25.92 -22.92 2.08
CA ASN A 38 -26.56 -23.27 0.82
C ASN A 38 -25.57 -23.11 -0.34
N ILE A 39 -24.43 -22.46 -0.09
CA ILE A 39 -23.44 -22.32 -1.16
C ILE A 39 -22.87 -23.68 -1.54
N PHE A 40 -22.78 -24.59 -0.58
CA PHE A 40 -22.26 -25.92 -0.85
C PHE A 40 -23.32 -26.68 -1.66
N ALA A 41 -24.58 -26.50 -1.30
CA ALA A 41 -25.67 -27.13 -2.03
C ALA A 41 -25.71 -26.59 -3.47
N ASN A 42 -25.50 -25.30 -3.62
CA ASN A 42 -25.53 -24.66 -4.92
C ASN A 42 -24.33 -25.08 -5.74
N ASN A 43 -23.18 -25.15 -5.09
CA ASN A 43 -21.98 -25.61 -5.77
C ASN A 43 -22.18 -27.04 -6.28
N GLU A 44 -22.85 -27.87 -5.48
CA GLU A 44 -23.10 -29.24 -5.85
C GLU A 44 -24.05 -29.31 -7.04
N ALA A 45 -25.16 -28.59 -6.97
CA ALA A 45 -26.12 -28.55 -8.07
C ALA A 45 -25.38 -28.21 -9.38
N TRP A 46 -24.47 -27.25 -9.30
CA TRP A 46 -23.68 -26.81 -10.44
C TRP A 46 -22.83 -27.95 -10.98
N ARG A 47 -22.07 -28.61 -10.09
CA ARG A 47 -21.21 -29.72 -10.49
C ARG A 47 -22.02 -30.79 -11.21
N GLN A 48 -23.19 -31.11 -10.65
CA GLN A 48 -24.06 -32.11 -11.24
C GLN A 48 -24.49 -31.70 -12.62
N GLU A 49 -25.03 -30.50 -12.76
CA GLU A 49 -25.47 -30.00 -14.05
C GLU A 49 -24.32 -30.01 -15.05
N MET A 50 -23.13 -29.63 -14.62
CA MET A 50 -21.96 -29.61 -15.50
C MET A 50 -21.58 -31.01 -15.97
N LEU A 51 -21.51 -31.94 -15.04
CA LEU A 51 -21.19 -33.32 -15.37
C LEU A 51 -22.24 -33.94 -16.28
N LYS A 52 -23.50 -33.60 -16.06
CA LYS A 52 -24.61 -34.10 -16.85
C LYS A 52 -24.54 -33.60 -18.28
N GLN A 53 -24.09 -32.36 -18.48
CA GLN A 53 -23.98 -31.77 -19.81
C GLN A 53 -22.73 -32.27 -20.49
N ASP A 54 -21.68 -32.42 -19.69
CA ASP A 54 -20.40 -32.87 -20.21
C ASP A 54 -19.62 -33.54 -19.10
N PRO A 55 -19.54 -34.87 -19.13
CA PRO A 55 -18.82 -35.66 -18.12
C PRO A 55 -17.33 -35.37 -18.07
N GLU A 56 -16.79 -34.71 -19.08
CA GLU A 56 -15.37 -34.38 -19.10
C GLU A 56 -15.15 -32.96 -18.60
N PHE A 57 -16.23 -32.33 -18.13
CA PHE A 57 -16.17 -30.95 -17.66
C PHE A 57 -15.01 -30.60 -16.73
N PHE A 58 -14.87 -31.32 -15.63
CA PHE A 58 -13.80 -31.01 -14.70
C PHE A 58 -12.44 -31.48 -15.17
N ASN A 59 -12.41 -32.58 -15.93
CA ASN A 59 -11.14 -33.10 -16.47
C ASN A 59 -10.51 -32.06 -17.37
N ARG A 60 -11.34 -31.40 -18.17
CA ARG A 60 -10.85 -30.36 -19.07
C ARG A 60 -10.43 -29.15 -18.24
N LEU A 61 -11.28 -28.75 -17.30
CA LEU A 61 -11.03 -27.61 -16.41
C LEU A 61 -9.69 -27.79 -15.70
N ALA A 62 -9.53 -28.94 -15.07
CA ALA A 62 -8.31 -29.24 -14.35
C ALA A 62 -7.08 -29.32 -15.24
N ASN A 63 -7.28 -29.44 -16.54
CA ASN A 63 -6.15 -29.55 -17.44
C ASN A 63 -6.13 -28.48 -18.55
N GLY A 64 -6.48 -27.25 -18.18
CA GLY A 64 -6.51 -26.16 -19.14
C GLY A 64 -5.10 -25.72 -19.44
N GLN A 65 -4.97 -24.73 -20.34
CA GLN A 65 -3.66 -24.21 -20.72
C GLN A 65 -3.29 -23.02 -19.86
N SER A 66 -2.00 -22.71 -19.69
CA SER A 66 -1.68 -21.51 -18.91
C SER A 66 -2.14 -20.25 -19.54
N PRO A 67 -2.54 -19.26 -18.70
CA PRO A 67 -3.02 -17.99 -19.18
C PRO A 67 -2.00 -17.16 -19.93
N GLU A 68 -2.45 -16.58 -21.04
CA GLU A 68 -1.59 -15.69 -21.82
C GLU A 68 -1.98 -14.24 -21.54
N TYR A 69 -3.11 -14.05 -20.84
CA TYR A 69 -3.61 -12.73 -20.48
C TYR A 69 -3.68 -12.47 -18.98
N LEU A 70 -3.33 -11.25 -18.61
CA LEU A 70 -3.46 -10.76 -17.25
C LEU A 70 -4.60 -9.74 -17.47
N TRP A 71 -5.63 -9.82 -16.66
CA TRP A 71 -6.75 -8.92 -16.75
C TRP A 71 -6.98 -8.26 -15.39
N ILE A 72 -6.87 -6.94 -15.39
CA ILE A 72 -7.08 -6.13 -14.19
C ILE A 72 -8.46 -5.48 -14.37
N GLY A 73 -9.42 -5.94 -13.57
CA GLY A 73 -10.78 -5.46 -13.65
C GLY A 73 -11.32 -4.92 -12.34
N CYS A 74 -12.60 -4.61 -12.34
CA CYS A 74 -13.27 -4.05 -11.20
C CYS A 74 -14.03 -5.11 -10.44
N ALA A 75 -14.12 -4.92 -9.12
CA ALA A 75 -14.83 -5.84 -8.25
C ALA A 75 -16.34 -5.92 -8.49
N ASP A 76 -16.98 -4.87 -9.01
CA ASP A 76 -18.43 -4.94 -9.27
C ASP A 76 -18.66 -5.24 -10.71
N SER A 77 -18.11 -6.35 -11.22
CA SER A 77 -18.30 -6.68 -12.62
C SER A 77 -19.17 -7.86 -12.93
N ARG A 78 -20.14 -7.57 -13.76
CA ARG A 78 -21.15 -8.55 -14.13
C ARG A 78 -20.76 -9.53 -15.19
N VAL A 79 -19.51 -9.52 -15.62
CA VAL A 79 -19.07 -10.47 -16.62
C VAL A 79 -17.66 -11.01 -16.41
N PRO A 80 -17.53 -12.34 -16.27
CA PRO A 80 -16.20 -12.92 -16.07
C PRO A 80 -15.29 -12.61 -17.27
N ALA A 81 -14.04 -12.29 -16.96
CA ALA A 81 -13.05 -11.95 -17.94
C ALA A 81 -12.90 -12.96 -19.06
N ASN A 82 -12.80 -14.24 -18.72
CA ASN A 82 -12.64 -15.29 -19.73
C ASN A 82 -13.82 -15.32 -20.67
N GLN A 83 -14.99 -15.00 -20.16
CA GLN A 83 -16.22 -14.99 -20.94
C GLN A 83 -16.17 -13.89 -22.01
N LEU A 84 -15.89 -12.66 -21.57
CA LEU A 84 -15.80 -11.55 -22.49
C LEU A 84 -14.77 -11.80 -23.58
N LEU A 85 -13.71 -12.53 -23.25
CA LEU A 85 -12.68 -12.83 -24.23
C LEU A 85 -12.95 -14.12 -25.01
N ASP A 86 -14.07 -14.76 -24.74
CA ASP A 86 -14.42 -16.04 -25.38
C ASP A 86 -13.31 -17.06 -25.15
N LEU A 87 -12.82 -17.13 -23.91
CA LEU A 87 -11.74 -18.05 -23.51
C LEU A 87 -12.17 -18.97 -22.37
N PRO A 88 -11.56 -20.15 -22.28
CA PRO A 88 -11.87 -21.10 -21.19
C PRO A 88 -11.49 -20.48 -19.84
N ALA A 89 -12.20 -20.85 -18.79
CA ALA A 89 -11.90 -20.35 -17.46
C ALA A 89 -10.44 -20.71 -17.19
N GLY A 90 -9.75 -19.89 -16.40
CA GLY A 90 -8.36 -20.19 -16.11
C GLY A 90 -7.43 -19.77 -17.21
N GLU A 91 -7.95 -19.44 -18.38
CA GLU A 91 -7.05 -19.00 -19.43
C GLU A 91 -6.74 -17.51 -19.29
N VAL A 92 -7.36 -16.88 -18.31
CA VAL A 92 -7.13 -15.47 -18.02
C VAL A 92 -6.79 -15.32 -16.54
N PHE A 93 -5.64 -14.73 -16.25
CA PHE A 93 -5.19 -14.47 -14.87
C PHE A 93 -5.89 -13.16 -14.46
N VAL A 94 -6.72 -13.21 -13.42
CA VAL A 94 -7.51 -12.06 -13.02
C VAL A 94 -7.19 -11.36 -11.70
N HIS A 95 -7.20 -10.03 -11.75
CA HIS A 95 -6.99 -9.21 -10.57
C HIS A 95 -8.23 -8.30 -10.58
N ARG A 96 -8.87 -8.17 -9.42
CA ARG A 96 -10.05 -7.31 -9.32
C ARG A 96 -9.99 -6.48 -8.07
N ASN A 97 -10.29 -5.20 -8.23
CA ASN A 97 -10.29 -4.26 -7.12
C ASN A 97 -11.33 -3.19 -7.43
N ILE A 98 -11.47 -2.21 -6.53
CA ILE A 98 -12.44 -1.14 -6.72
C ILE A 98 -12.00 -0.23 -7.86
N ALA A 99 -12.83 -0.16 -8.91
CA ALA A 99 -12.59 0.68 -10.07
C ALA A 99 -11.36 0.36 -10.90
N ASN A 100 -11.00 -0.94 -10.96
CA ASN A 100 -9.87 -1.41 -11.77
C ASN A 100 -8.62 -0.51 -11.76
N GLN A 101 -8.18 -0.17 -10.56
CA GLN A 101 -7.04 0.69 -10.37
C GLN A 101 -5.71 0.00 -10.51
N CYS A 102 -4.75 0.76 -11.02
CA CYS A 102 -3.40 0.31 -11.18
C CYS A 102 -2.54 1.39 -10.55
N ILE A 103 -2.67 1.54 -9.24
CA ILE A 103 -1.94 2.52 -8.46
C ILE A 103 -0.45 2.17 -8.45
N HIS A 104 0.40 3.16 -8.73
CA HIS A 104 1.84 2.97 -8.79
C HIS A 104 2.44 2.15 -7.67
N SER A 105 2.11 2.49 -6.43
CA SER A 105 2.67 1.82 -5.28
C SER A 105 1.78 0.80 -4.59
N ASP A 106 0.75 0.34 -5.27
CA ASP A 106 -0.15 -0.68 -4.71
C ASP A 106 0.50 -2.03 -4.90
N ILE A 107 0.94 -2.65 -3.80
CA ILE A 107 1.61 -3.93 -3.85
C ILE A 107 0.66 -5.07 -4.23
N SER A 108 -0.64 -4.94 -3.97
CA SER A 108 -1.55 -6.01 -4.37
C SER A 108 -1.60 -6.07 -5.90
N PHE A 109 -1.53 -4.90 -6.52
CA PHE A 109 -1.53 -4.79 -7.97
C PHE A 109 -0.16 -5.20 -8.51
N LEU A 110 0.91 -4.63 -7.95
CA LEU A 110 2.26 -4.92 -8.38
C LEU A 110 2.66 -6.42 -8.26
N SER A 111 2.26 -7.09 -7.20
CA SER A 111 2.58 -8.52 -7.03
C SER A 111 1.82 -9.42 -8.04
N VAL A 112 0.57 -9.08 -8.39
CA VAL A 112 -0.16 -9.85 -9.40
C VAL A 112 0.50 -9.62 -10.78
N LEU A 113 0.87 -8.38 -11.07
CA LEU A 113 1.55 -8.00 -12.31
C LEU A 113 2.89 -8.77 -12.48
N GLN A 114 3.75 -8.70 -11.46
CA GLN A 114 5.02 -9.35 -11.50
C GLN A 114 4.88 -10.87 -11.63
N TYR A 115 3.91 -11.44 -10.93
CA TYR A 115 3.69 -12.88 -11.01
C TYR A 115 3.28 -13.22 -12.46
N ALA A 116 2.31 -12.49 -12.99
CA ALA A 116 1.84 -12.69 -14.37
C ALA A 116 2.98 -12.55 -15.39
N VAL A 117 3.79 -11.52 -15.24
CA VAL A 117 4.89 -11.26 -16.17
C VAL A 117 6.14 -12.14 -16.01
N GLN A 118 6.65 -12.26 -14.78
CA GLN A 118 7.84 -13.06 -14.55
C GLN A 118 7.56 -14.54 -14.32
N TYR A 119 6.57 -14.86 -13.49
CA TYR A 119 6.29 -16.27 -13.25
C TYR A 119 5.55 -16.88 -14.45
N LEU A 120 4.40 -16.33 -14.80
CA LEU A 120 3.60 -16.88 -15.90
C LEU A 120 4.01 -16.52 -17.32
N LYS A 121 4.87 -15.51 -17.48
CA LYS A 121 5.27 -15.12 -18.82
C LYS A 121 4.05 -14.78 -19.66
N VAL A 122 3.15 -14.01 -19.08
CA VAL A 122 1.92 -13.57 -19.72
C VAL A 122 2.30 -12.69 -20.92
N LYS A 123 1.59 -12.81 -22.04
CA LYS A 123 1.93 -12.01 -23.22
C LYS A 123 1.13 -10.72 -23.39
N HIS A 124 -0.08 -10.70 -22.84
CA HIS A 124 -0.92 -9.53 -22.99
C HIS A 124 -1.54 -9.21 -21.66
N ILE A 125 -1.59 -7.91 -21.34
CA ILE A 125 -2.18 -7.39 -20.12
C ILE A 125 -3.34 -6.51 -20.56
N LEU A 126 -4.51 -6.73 -19.98
CA LEU A 126 -5.68 -5.92 -20.32
C LEU A 126 -6.19 -5.21 -19.05
N VAL A 127 -6.46 -3.91 -19.16
CA VAL A 127 -7.06 -3.19 -18.04
C VAL A 127 -8.47 -2.94 -18.54
N CYS A 128 -9.48 -3.45 -17.84
CA CYS A 128 -10.85 -3.30 -18.29
C CYS A 128 -11.71 -2.58 -17.30
N GLY A 129 -12.40 -1.55 -17.79
CA GLY A 129 -13.30 -0.77 -16.96
C GLY A 129 -14.69 -1.07 -17.49
N HIS A 130 -15.72 -0.58 -16.83
CA HIS A 130 -17.08 -0.83 -17.28
C HIS A 130 -17.94 0.39 -16.99
N TYR A 131 -18.85 0.71 -17.90
CA TYR A 131 -19.73 1.85 -17.74
C TYR A 131 -20.62 1.62 -16.53
N GLY A 132 -20.96 2.71 -15.81
CA GLY A 132 -21.79 2.59 -14.61
C GLY A 132 -21.03 2.14 -13.36
N CYS A 133 -19.71 2.02 -13.47
CA CYS A 133 -18.86 1.60 -12.36
C CYS A 133 -19.19 2.32 -11.04
N GLY A 134 -19.64 1.56 -10.04
CA GLY A 134 -19.96 2.10 -8.72
C GLY A 134 -18.78 2.80 -8.07
N GLY A 135 -17.57 2.34 -8.32
CA GLY A 135 -16.40 2.99 -7.74
C GLY A 135 -16.17 4.39 -8.31
N ALA A 136 -16.25 4.48 -9.64
CA ALA A 136 -16.07 5.76 -10.33
C ALA A 136 -17.19 6.72 -9.96
N LYS A 137 -18.40 6.18 -9.83
CA LYS A 137 -19.58 6.94 -9.49
C LYS A 137 -19.50 7.53 -8.09
N ALA A 138 -19.04 6.72 -7.14
CA ALA A 138 -18.90 7.16 -5.76
C ALA A 138 -17.89 8.29 -5.67
N ALA A 139 -16.84 8.24 -6.49
CA ALA A 139 -15.81 9.26 -6.51
C ALA A 139 -16.35 10.67 -6.87
N LEU A 140 -17.41 10.71 -7.67
CA LEU A 140 -18.01 11.98 -8.10
C LEU A 140 -19.21 12.37 -7.25
N GLY A 141 -20.06 11.42 -6.90
CA GLY A 141 -21.25 11.77 -6.18
C GLY A 141 -21.45 11.46 -4.72
N ASP A 142 -20.41 11.07 -4.00
CA ASP A 142 -20.57 10.73 -2.59
C ASP A 142 -19.34 11.18 -1.85
N SER A 143 -19.50 11.63 -0.61
CA SER A 143 -18.35 12.06 0.16
C SER A 143 -18.42 11.51 1.58
N ARG A 144 -17.39 11.76 2.37
CA ARG A 144 -17.34 11.29 3.75
C ARG A 144 -17.49 9.76 3.78
N LEU A 145 -16.87 9.06 2.83
CA LEU A 145 -16.98 7.61 2.77
C LEU A 145 -15.99 6.84 3.66
N GLY A 146 -15.08 7.55 4.33
CA GLY A 146 -14.11 6.90 5.19
C GLY A 146 -12.93 6.26 4.48
N LEU A 147 -12.49 5.10 4.98
CA LEU A 147 -11.36 4.34 4.43
C LEU A 147 -11.31 4.35 2.90
N ILE A 148 -12.37 3.88 2.26
CA ILE A 148 -12.41 3.81 0.81
C ILE A 148 -12.25 5.13 0.05
N ASP A 149 -12.53 6.26 0.69
CA ASP A 149 -12.38 7.54 -0.01
C ASP A 149 -10.92 7.81 -0.35
N ASN A 150 -10.01 7.22 0.44
CA ASN A 150 -8.56 7.38 0.20
C ASN A 150 -8.17 6.59 -1.05
N TRP A 151 -8.86 5.49 -1.31
CA TRP A 151 -8.61 4.70 -2.49
C TRP A 151 -9.15 5.53 -3.67
N LEU A 152 -10.38 6.02 -3.51
CA LEU A 152 -11.06 6.82 -4.53
C LEU A 152 -10.41 8.16 -4.89
N ARG A 153 -9.47 8.64 -4.08
CA ARG A 153 -8.76 9.88 -4.39
C ARG A 153 -8.01 9.73 -5.69
N HIS A 154 -7.63 8.49 -6.07
CA HIS A 154 -6.91 8.27 -7.31
C HIS A 154 -7.77 8.54 -8.52
N ILE A 155 -9.05 8.22 -8.41
CA ILE A 155 -10.00 8.48 -9.50
C ILE A 155 -10.18 10.01 -9.62
N ARG A 156 -10.10 10.69 -8.49
CA ARG A 156 -10.21 12.15 -8.40
C ARG A 156 -9.04 12.80 -9.12
N ASP A 157 -7.88 12.14 -9.07
CA ASP A 157 -6.73 12.65 -9.78
C ASP A 157 -6.99 12.56 -11.26
N VAL A 158 -7.71 11.51 -11.69
CA VAL A 158 -8.05 11.36 -13.10
C VAL A 158 -8.98 12.50 -13.53
N ARG A 159 -9.96 12.85 -12.71
CA ARG A 159 -10.88 13.94 -13.04
C ARG A 159 -10.11 15.25 -13.09
N ARG A 160 -9.18 15.41 -12.14
CA ARG A 160 -8.34 16.60 -12.03
C ARG A 160 -7.46 16.79 -13.27
N MET A 161 -6.70 15.75 -13.62
CA MET A 161 -5.80 15.79 -14.78
C MET A 161 -6.54 15.94 -16.11
N ASN A 162 -7.81 15.55 -16.15
CA ASN A 162 -8.58 15.60 -17.37
C ASN A 162 -9.79 16.51 -17.31
N ALA A 163 -9.71 17.58 -16.53
CA ALA A 163 -10.79 18.52 -16.40
C ALA A 163 -11.28 19.02 -17.77
N LYS A 164 -10.34 19.34 -18.65
CA LYS A 164 -10.64 19.83 -20.01
C LYS A 164 -11.57 18.93 -20.81
N TYR A 165 -11.38 17.62 -20.67
CA TYR A 165 -12.22 16.67 -21.37
C TYR A 165 -13.55 16.51 -20.65
N LEU A 166 -13.51 16.56 -19.33
CA LEU A 166 -14.72 16.36 -18.54
C LEU A 166 -15.73 17.51 -18.53
N ASP A 167 -15.25 18.74 -18.38
CA ASP A 167 -16.12 19.92 -18.39
C ASP A 167 -16.83 20.06 -19.75
N LYS A 168 -16.24 19.47 -20.77
CA LYS A 168 -16.79 19.48 -22.12
C LYS A 168 -18.10 18.70 -22.17
N CYS A 169 -18.18 17.65 -21.34
CA CYS A 169 -19.34 16.76 -21.26
C CYS A 169 -20.70 17.39 -21.01
N LYS A 170 -21.67 16.96 -21.82
CA LYS A 170 -23.02 17.51 -21.77
C LYS A 170 -23.90 17.19 -20.57
N ASP A 171 -23.69 16.04 -19.95
CA ASP A 171 -24.51 15.66 -18.80
C ASP A 171 -23.80 14.67 -17.90
N GLY A 172 -24.42 14.39 -16.76
CA GLY A 172 -23.88 13.49 -15.78
C GLY A 172 -23.46 12.14 -16.32
N ASP A 173 -24.29 11.54 -17.15
CA ASP A 173 -24.00 10.23 -17.72
C ASP A 173 -22.84 10.29 -18.69
N GLU A 174 -22.83 11.28 -19.55
CA GLU A 174 -21.75 11.42 -20.49
C GLU A 174 -20.46 11.66 -19.72
N GLU A 175 -20.55 12.39 -18.62
CA GLU A 175 -19.37 12.70 -17.84
C GLU A 175 -18.83 11.50 -17.07
N LEU A 176 -19.73 10.62 -16.63
CA LEU A 176 -19.31 9.42 -15.91
C LEU A 176 -18.65 8.52 -16.96
N ASN A 177 -19.29 8.37 -18.12
CA ASN A 177 -18.78 7.55 -19.20
C ASN A 177 -17.36 7.97 -19.54
N ARG A 178 -17.16 9.26 -19.75
CA ARG A 178 -15.85 9.75 -20.08
C ARG A 178 -14.80 9.57 -18.95
N LEU A 179 -15.21 9.75 -17.68
CA LEU A 179 -14.27 9.54 -16.54
C LEU A 179 -13.82 8.05 -16.54
N ILE A 180 -14.78 7.14 -16.72
CA ILE A 180 -14.51 5.73 -16.73
C ILE A 180 -13.52 5.39 -17.83
N GLU A 181 -13.71 5.97 -19.01
CA GLU A 181 -12.79 5.74 -20.14
C GLU A 181 -11.40 6.33 -19.86
N LEU A 182 -11.37 7.52 -19.29
CA LEU A 182 -10.11 8.17 -18.97
C LEU A 182 -9.44 7.40 -17.83
N ASN A 183 -10.24 6.86 -16.90
CA ASN A 183 -9.68 6.08 -15.79
C ASN A 183 -8.92 4.87 -16.38
N VAL A 184 -9.56 4.12 -17.28
CA VAL A 184 -8.90 2.98 -17.89
C VAL A 184 -7.59 3.41 -18.56
N LEU A 185 -7.63 4.50 -19.33
CA LEU A 185 -6.42 5.00 -20.02
C LEU A 185 -5.31 5.35 -19.05
N GLU A 186 -5.68 5.96 -17.95
CA GLU A 186 -4.70 6.32 -16.93
C GLU A 186 -4.09 5.04 -16.29
N GLN A 187 -4.91 4.03 -16.03
CA GLN A 187 -4.40 2.79 -15.46
C GLN A 187 -3.45 2.09 -16.46
N VAL A 188 -3.79 2.11 -17.75
CA VAL A 188 -2.93 1.53 -18.78
C VAL A 188 -1.58 2.23 -18.70
N HIS A 189 -1.61 3.55 -18.56
CA HIS A 189 -0.37 4.30 -18.44
C HIS A 189 0.45 3.77 -17.25
N ASN A 190 -0.23 3.61 -16.12
CA ASN A 190 0.42 3.13 -14.90
C ASN A 190 0.99 1.72 -15.07
N VAL A 191 0.28 0.84 -15.75
CA VAL A 191 0.80 -0.51 -15.98
C VAL A 191 2.12 -0.44 -16.76
N CYS A 192 2.13 0.35 -17.85
CA CYS A 192 3.33 0.50 -18.70
C CYS A 192 4.49 1.12 -17.98
N ALA A 193 4.18 1.99 -17.02
CA ALA A 193 5.18 2.71 -16.25
C ALA A 193 5.79 1.92 -15.09
N THR A 194 5.20 0.78 -14.71
CA THR A 194 5.75 -0.04 -13.62
C THR A 194 7.15 -0.50 -13.94
N SER A 195 7.95 -0.75 -12.90
CA SER A 195 9.31 -1.25 -13.09
C SER A 195 9.24 -2.60 -13.83
N ILE A 196 8.20 -3.36 -13.53
CA ILE A 196 7.96 -4.68 -14.10
C ILE A 196 7.83 -4.63 -15.64
N VAL A 197 6.92 -3.81 -16.15
CA VAL A 197 6.74 -3.69 -17.58
C VAL A 197 7.92 -2.95 -18.24
N GLN A 198 8.52 -1.98 -17.55
CA GLN A 198 9.69 -1.30 -18.11
C GLN A 198 10.89 -2.28 -18.23
N ASP A 199 11.10 -3.10 -17.20
CA ASP A 199 12.18 -4.07 -17.24
C ASP A 199 11.95 -5.09 -18.37
N ALA A 200 10.75 -5.63 -18.43
CA ALA A 200 10.41 -6.61 -19.45
C ALA A 200 10.67 -6.05 -20.82
N TRP A 201 10.20 -4.83 -21.07
CA TRP A 201 10.38 -4.19 -22.37
C TRP A 201 11.84 -3.92 -22.67
N ASP A 202 12.60 -3.54 -21.64
CA ASP A 202 14.04 -3.32 -21.83
C ASP A 202 14.71 -4.65 -22.22
N ALA A 203 14.22 -5.76 -21.68
CA ALA A 203 14.77 -7.08 -21.99
C ALA A 203 14.18 -7.65 -23.27
N GLY A 204 13.43 -6.82 -24.00
CA GLY A 204 12.83 -7.26 -25.25
C GLY A 204 11.77 -8.32 -25.12
N GLN A 205 11.14 -8.43 -23.95
CA GLN A 205 10.09 -9.43 -23.76
C GLN A 205 8.79 -8.95 -24.42
N GLU A 206 8.14 -9.86 -25.14
CA GLU A 206 6.91 -9.57 -25.85
C GLU A 206 5.81 -9.36 -24.81
N LEU A 207 5.32 -8.13 -24.69
CA LEU A 207 4.30 -7.82 -23.70
C LEU A 207 3.50 -6.57 -24.07
N THR A 208 2.23 -6.76 -24.40
CA THR A 208 1.37 -5.63 -24.74
C THR A 208 0.49 -5.21 -23.58
N VAL A 209 0.18 -3.93 -23.49
CA VAL A 209 -0.72 -3.47 -22.46
C VAL A 209 -1.79 -2.74 -23.23
N GLN A 210 -3.04 -3.11 -23.03
CA GLN A 210 -4.13 -2.48 -23.75
C GLN A 210 -5.30 -2.18 -22.83
N GLY A 211 -6.01 -1.09 -23.14
CA GLY A 211 -7.18 -0.70 -22.38
C GLY A 211 -8.47 -1.08 -23.09
N VAL A 212 -9.51 -1.37 -22.32
CA VAL A 212 -10.76 -1.79 -22.89
C VAL A 212 -11.91 -1.41 -21.92
N VAL A 213 -13.12 -1.17 -22.42
CA VAL A 213 -14.28 -0.84 -21.56
C VAL A 213 -15.44 -1.53 -22.22
N TYR A 214 -16.55 -1.66 -21.51
CA TYR A 214 -17.73 -2.24 -22.09
C TYR A 214 -18.88 -1.84 -21.21
N GLY A 215 -20.08 -1.91 -21.77
CA GLY A 215 -21.27 -1.63 -21.00
C GLY A 215 -21.92 -2.99 -20.93
N VAL A 216 -22.43 -3.35 -19.76
CA VAL A 216 -23.05 -4.67 -19.57
C VAL A 216 -24.29 -4.88 -20.46
N GLY A 217 -24.85 -3.78 -20.97
CA GLY A 217 -26.03 -3.87 -21.83
C GLY A 217 -25.78 -4.55 -23.18
N ASP A 218 -24.51 -4.68 -23.58
CA ASP A 218 -24.18 -5.35 -24.84
C ASP A 218 -22.92 -6.24 -24.75
N GLY A 219 -22.15 -6.06 -23.66
CA GLY A 219 -20.96 -6.85 -23.46
C GLY A 219 -19.92 -6.65 -24.55
N LYS A 220 -19.97 -5.51 -25.23
CA LYS A 220 -19.03 -5.26 -26.32
C LYS A 220 -17.83 -4.48 -25.87
N LEU A 221 -16.66 -5.06 -26.07
CA LEU A 221 -15.43 -4.37 -25.65
C LEU A 221 -15.06 -3.27 -26.64
N ARG A 222 -14.76 -2.09 -26.10
CA ARG A 222 -14.37 -0.93 -26.90
C ARG A 222 -12.91 -0.69 -26.63
N ASP A 223 -12.18 -0.23 -27.64
CA ASP A 223 -10.75 -0.03 -27.52
C ASP A 223 -10.33 1.30 -26.91
N LEU A 224 -9.37 1.26 -25.99
CA LEU A 224 -8.85 2.49 -25.37
C LEU A 224 -7.42 2.69 -25.81
N GLY A 225 -6.87 1.71 -26.53
CA GLY A 225 -5.50 1.82 -27.00
C GLY A 225 -4.64 0.69 -26.50
N VAL A 226 -3.61 0.36 -27.28
CA VAL A 226 -2.65 -0.69 -26.98
C VAL A 226 -1.27 -0.10 -27.03
N VAL A 227 -0.42 -0.43 -26.07
CA VAL A 227 0.94 0.04 -26.16
C VAL A 227 1.76 -1.24 -26.19
N VAL A 228 2.67 -1.30 -27.16
CA VAL A 228 3.50 -2.48 -27.38
C VAL A 228 4.82 -2.44 -26.65
N ASN A 229 5.49 -1.29 -26.70
CA ASN A 229 6.76 -1.13 -26.04
C ASN A 229 7.12 0.36 -26.08
N SER A 230 7.07 1.06 -24.95
CA SER A 230 7.42 2.47 -24.89
C SER A 230 8.19 2.74 -23.63
N SER A 231 9.46 3.16 -23.78
CA SER A 231 10.29 3.48 -22.62
C SER A 231 9.68 4.66 -21.91
N ASP A 232 9.70 4.61 -20.59
CA ASP A 232 9.18 5.69 -19.79
C ASP A 232 10.35 6.46 -19.22
N ASP A 233 11.54 6.22 -19.76
CA ASP A 233 12.74 6.88 -19.31
C ASP A 233 12.86 8.38 -19.59
N ILE A 234 13.30 9.14 -18.59
CA ILE A 234 13.52 10.57 -18.76
C ILE A 234 14.89 10.93 -18.22
N SER A 235 15.65 9.97 -17.72
CA SER A 235 16.98 10.26 -17.19
C SER A 235 17.92 10.78 -18.28
N LYS A 236 17.61 10.45 -19.52
CA LYS A 236 18.39 10.89 -20.67
C LYS A 236 18.32 12.41 -20.84
N PHE A 237 17.29 13.04 -20.27
CA PHE A 237 17.14 14.48 -20.33
C PHE A 237 17.86 15.14 -19.17
N TYR A 238 18.30 14.37 -18.18
CA TYR A 238 18.94 14.94 -17.00
C TYR A 238 20.29 14.42 -16.63
N ARG A 239 20.73 13.34 -17.25
CA ARG A 239 22.02 12.79 -16.89
C ARG A 239 22.92 12.74 -18.10
N THR A 240 24.14 13.22 -17.94
CA THR A 240 25.12 13.16 -19.01
C THR A 240 25.50 11.67 -19.09
N LYS A 241 25.87 11.19 -20.27
CA LYS A 241 26.24 9.78 -20.46
C LYS A 241 27.25 9.23 -19.44
N SER A 242 28.11 10.10 -18.94
CA SER A 242 29.11 9.75 -17.95
C SER A 242 28.47 9.57 -16.56
N ASP A 243 27.59 10.51 -16.21
CA ASP A 243 26.90 10.48 -14.92
C ASP A 243 25.78 9.44 -14.88
N SER A 244 25.39 8.96 -16.05
CA SER A 244 24.35 7.94 -16.18
C SER A 244 24.70 6.68 -15.38
N GLY A 245 23.69 6.11 -14.71
CA GLY A 245 23.88 4.92 -13.89
C GLY A 245 24.53 5.30 -12.56
N ALA A 246 24.42 6.56 -12.19
CA ALA A 246 25.00 7.10 -10.95
C ALA A 246 24.59 6.37 -9.67
N LEU A 247 23.30 6.46 -9.36
CA LEU A 247 22.73 5.87 -8.15
C LEU A 247 22.94 4.36 -8.02
N LYS A 248 22.76 3.63 -9.11
CA LYS A 248 22.94 2.19 -9.08
C LYS A 248 24.40 1.81 -8.79
N ALA A 249 25.32 2.69 -9.20
CA ALA A 249 26.75 2.49 -8.99
C ALA A 249 27.19 3.08 -7.63
N GLY A 250 26.22 3.31 -6.75
CA GLY A 250 26.53 3.84 -5.42
C GLY A 250 26.67 5.34 -5.30
N ASN A 251 26.70 6.06 -6.41
CA ASN A 251 26.83 7.52 -6.32
C ASN A 251 25.52 8.27 -6.48
N PRO A 252 24.87 8.63 -5.36
CA PRO A 252 23.60 9.36 -5.42
C PRO A 252 23.80 10.87 -5.55
N ASN A 253 25.06 11.30 -5.50
CA ASN A 253 25.40 12.73 -5.58
C ASN A 253 25.79 13.26 -6.96
N ALA A 254 25.77 12.39 -7.97
CA ALA A 254 26.08 12.82 -9.33
C ALA A 254 25.11 13.95 -9.69
N PRO A 255 25.60 15.00 -10.35
CA PRO A 255 24.76 16.15 -10.73
C PRO A 255 23.61 15.91 -11.72
N LEU A 256 22.59 16.75 -11.62
CA LEU A 256 21.47 16.70 -12.54
C LEU A 256 21.71 17.82 -13.54
N VAL A 257 21.95 17.43 -14.79
CA VAL A 257 22.22 18.37 -15.87
C VAL A 257 21.02 18.39 -16.82
N GLN A 258 20.38 19.54 -16.95
CA GLN A 258 19.22 19.70 -17.83
C GLN A 258 19.66 19.64 -19.31
N VAL A 259 19.77 18.42 -19.83
CA VAL A 259 20.19 18.18 -21.22
C VAL A 259 19.23 18.85 -22.20
N THR A 260 17.95 18.79 -21.90
CA THR A 260 16.91 19.41 -22.72
C THR A 260 15.81 19.88 -21.79
N LYS A 261 15.14 20.96 -22.18
CA LYS A 261 14.09 21.60 -21.38
C LYS A 261 12.86 20.80 -20.95
N GLY A 262 11.92 20.62 -21.87
CA GLY A 262 10.71 19.91 -21.52
C GLY A 262 10.58 18.54 -22.14
N GLY A 263 11.56 17.67 -21.89
CA GLY A 263 11.49 16.35 -22.46
C GLY A 263 10.39 15.46 -21.88
N GLU A 264 9.81 14.63 -22.73
CA GLU A 264 8.79 13.69 -22.31
C GLU A 264 9.29 12.34 -22.83
N SER A 265 9.01 11.28 -22.10
CA SER A 265 9.48 9.97 -22.52
C SER A 265 8.65 9.41 -23.67
N GLU A 266 9.05 8.26 -24.19
CA GLU A 266 8.30 7.63 -25.27
C GLU A 266 6.91 7.31 -24.76
N LEU A 267 6.78 6.91 -23.49
CA LEU A 267 5.49 6.55 -22.95
C LEU A 267 4.57 7.75 -22.91
N ASP A 268 5.10 8.88 -22.49
CA ASP A 268 4.32 10.11 -22.42
C ASP A 268 3.68 10.41 -23.79
N SER A 269 4.50 10.37 -24.83
CA SER A 269 4.01 10.62 -26.17
C SER A 269 2.95 9.61 -26.60
N THR A 270 3.22 8.33 -26.34
CA THR A 270 2.29 7.25 -26.66
C THR A 270 0.92 7.48 -26.03
N MET A 271 0.92 7.86 -24.75
CA MET A 271 -0.33 8.12 -24.03
C MET A 271 -1.07 9.34 -24.55
N GLU A 272 -0.32 10.36 -24.94
CA GLU A 272 -0.85 11.60 -25.49
C GLU A 272 -1.64 11.23 -26.75
N LYS A 273 -1.06 10.38 -27.58
CA LYS A 273 -1.73 9.89 -28.79
C LYS A 273 -3.01 9.13 -28.49
N LEU A 274 -2.95 8.18 -27.54
CA LEU A 274 -4.12 7.38 -27.16
C LEU A 274 -5.21 8.24 -26.57
N THR A 275 -4.81 9.22 -25.78
CA THR A 275 -5.77 10.13 -25.18
C THR A 275 -6.51 10.88 -26.30
N ALA A 276 -5.74 11.37 -27.27
CA ALA A 276 -6.31 12.10 -28.41
C ALA A 276 -7.33 11.23 -29.11
N GLU A 277 -7.02 9.96 -29.28
CA GLU A 277 -7.93 9.06 -29.97
C GLU A 277 -9.16 8.73 -29.16
N LEU A 278 -9.03 8.70 -27.84
CA LEU A 278 -10.20 8.41 -27.02
C LEU A 278 -11.13 9.61 -27.05
N VAL A 279 -10.57 10.75 -26.67
CA VAL A 279 -11.29 12.00 -26.56
C VAL A 279 -12.08 12.46 -27.77
N GLN A 280 -11.58 12.17 -28.96
CA GLN A 280 -12.30 12.58 -30.16
C GLN A 280 -13.57 11.77 -30.43
N GLN A 281 -13.82 10.72 -29.65
CA GLN A 281 -15.02 9.89 -29.85
C GLN A 281 -16.07 10.25 -28.82
N THR A 282 -17.31 9.84 -29.07
CA THR A 282 -18.40 10.15 -28.17
C THR A 282 -18.34 9.26 -26.91
N PRO A 283 -18.45 9.87 -25.72
CA PRO A 283 -18.39 9.10 -24.49
C PRO A 283 -19.46 8.02 -24.46
N GLY A 284 -19.04 6.80 -24.19
CA GLY A 284 -19.97 5.69 -24.13
C GLY A 284 -20.23 5.01 -25.45
N LYS A 285 -19.65 5.52 -26.53
CA LYS A 285 -19.85 4.95 -27.85
C LYS A 285 -18.53 4.76 -28.57
N LEU A 286 -17.52 4.30 -27.85
CA LEU A 286 -16.22 4.09 -28.45
C LEU A 286 -16.29 2.93 -29.44
N LYS A 287 -15.35 2.90 -30.37
CA LYS A 287 -15.27 1.84 -31.34
C LYS A 287 -14.52 0.64 -30.78
N GLU A 288 -14.75 -0.52 -31.37
CA GLU A 288 -14.03 -1.70 -30.96
C GLU A 288 -12.77 -1.61 -31.82
N GLY A 289 -11.69 -2.24 -31.38
CA GLY A 289 -10.46 -2.22 -32.15
C GLY A 289 -10.50 -3.41 -33.10
N ALA A 290 -9.43 -3.66 -33.85
CA ALA A 290 -9.42 -4.78 -34.77
C ALA A 290 -8.66 -6.01 -34.26
N ASN A 291 -8.05 -5.89 -33.08
CA ASN A 291 -7.31 -6.99 -32.46
C ASN A 291 -8.22 -8.20 -32.17
N ARG A 292 -7.63 -9.39 -32.09
CA ARG A 292 -8.39 -10.61 -31.85
C ARG A 292 -9.28 -10.53 -30.61
N VAL A 293 -8.86 -9.74 -29.62
CA VAL A 293 -9.61 -9.53 -28.38
C VAL A 293 -11.04 -9.10 -28.69
N PHE A 294 -11.17 -8.24 -29.68
CA PHE A 294 -12.45 -7.70 -30.08
C PHE A 294 -13.22 -8.67 -30.95
N VAL A 295 -12.52 -9.36 -31.84
CA VAL A 295 -13.20 -10.29 -32.72
C VAL A 295 -13.73 -11.49 -31.92
N ASN A 296 -12.93 -11.97 -30.95
CA ASN A 296 -13.34 -13.07 -30.09
C ASN A 296 -14.50 -12.61 -29.21
N ASN A 297 -14.39 -11.41 -28.66
CA ASN A 297 -15.48 -10.88 -27.84
C ASN A 297 -16.76 -10.83 -28.65
N GLU A 298 -16.65 -10.46 -29.92
CA GLU A 298 -17.79 -10.38 -30.82
C GLU A 298 -18.43 -11.75 -31.06
N ASN A 299 -17.61 -12.76 -31.30
CA ASN A 299 -18.15 -14.12 -31.53
C ASN A 299 -18.92 -14.53 -30.30
N TRP A 300 -18.31 -14.32 -29.14
CA TRP A 300 -18.92 -14.62 -27.86
C TRP A 300 -20.30 -13.96 -27.75
N ARG A 301 -20.37 -12.66 -28.00
CA ARG A 301 -21.63 -11.94 -27.92
C ARG A 301 -22.72 -12.55 -28.80
N GLN A 302 -22.40 -12.80 -30.07
CA GLN A 302 -23.37 -13.39 -31.00
C GLN A 302 -23.87 -14.73 -30.48
N LYS A 303 -22.96 -15.55 -29.98
CA LYS A 303 -23.29 -16.86 -29.42
C LYS A 303 -24.30 -16.71 -28.28
N MET A 304 -24.06 -15.71 -27.44
CA MET A 304 -24.94 -15.45 -26.30
C MET A 304 -26.31 -14.98 -26.75
N LEU A 305 -26.32 -14.05 -27.70
CA LEU A 305 -27.56 -13.52 -28.25
C LEU A 305 -28.37 -14.60 -28.93
N LYS A 306 -27.68 -15.57 -29.52
CA LYS A 306 -28.34 -16.68 -30.18
C LYS A 306 -29.16 -17.46 -29.19
N GLN A 307 -28.50 -17.95 -28.15
CA GLN A 307 -29.20 -18.71 -27.13
C GLN A 307 -30.10 -17.86 -26.24
N ASP A 308 -29.97 -16.52 -26.34
CA ASP A 308 -30.79 -15.62 -25.54
C ASP A 308 -30.68 -14.19 -26.03
N PRO A 309 -31.69 -13.70 -26.76
CA PRO A 309 -31.75 -12.34 -27.31
C PRO A 309 -31.77 -11.24 -26.25
N GLN A 310 -32.13 -11.59 -25.02
CA GLN A 310 -32.18 -10.65 -23.91
C GLN A 310 -31.02 -10.88 -22.94
N PHE A 311 -30.15 -11.83 -23.26
CA PHE A 311 -29.00 -12.21 -22.45
C PHE A 311 -28.31 -11.04 -21.75
N PHE A 312 -27.99 -10.00 -22.53
CA PHE A 312 -27.32 -8.84 -21.95
C PHE A 312 -28.20 -7.89 -21.17
N SER A 313 -29.46 -7.73 -21.58
CA SER A 313 -30.39 -6.84 -20.88
C SER A 313 -30.68 -7.42 -19.48
N ASN A 314 -30.82 -8.74 -19.41
CA ASN A 314 -31.05 -9.41 -18.13
C ASN A 314 -29.81 -9.20 -17.27
N LEU A 315 -28.65 -9.41 -17.89
CA LEU A 315 -27.36 -9.23 -17.23
C LEU A 315 -27.32 -7.84 -16.61
N ALA A 316 -27.89 -6.87 -17.31
CA ALA A 316 -27.94 -5.48 -16.85
C ALA A 316 -29.00 -5.17 -15.81
N HIS A 317 -29.74 -6.18 -15.37
CA HIS A 317 -30.80 -5.99 -14.38
C HIS A 317 -30.48 -6.63 -13.03
N THR A 318 -29.61 -7.65 -13.05
CA THR A 318 -29.23 -8.37 -11.83
C THR A 318 -29.08 -7.48 -10.59
N GLN A 319 -29.71 -7.92 -9.50
CA GLN A 319 -29.70 -7.18 -8.25
C GLN A 319 -28.34 -7.08 -7.57
N THR A 320 -28.20 -6.09 -6.69
CA THR A 320 -26.97 -5.85 -5.92
C THR A 320 -26.49 -7.17 -5.32
N PRO A 321 -25.19 -7.43 -5.41
CA PRO A 321 -24.62 -8.66 -4.88
C PRO A 321 -24.77 -8.79 -3.38
N GLU A 322 -25.08 -10.00 -2.92
CA GLU A 322 -25.23 -10.25 -1.51
C GLU A 322 -24.02 -10.96 -0.91
N ILE A 323 -22.97 -11.13 -1.73
CA ILE A 323 -21.73 -11.76 -1.30
C ILE A 323 -20.47 -11.15 -1.86
N LEU A 324 -19.46 -11.10 -1.02
CA LEU A 324 -18.15 -10.62 -1.41
C LEU A 324 -17.39 -11.94 -1.48
N TRP A 325 -16.70 -12.15 -2.60
CA TRP A 325 -15.89 -13.33 -2.78
C TRP A 325 -14.45 -12.84 -2.92
N ILE A 326 -13.55 -13.33 -2.07
CA ILE A 326 -12.14 -12.99 -2.14
C ILE A 326 -11.41 -14.26 -2.60
N GLY A 327 -10.94 -14.27 -3.84
CA GLY A 327 -10.28 -15.43 -4.38
C GLY A 327 -8.90 -15.18 -4.92
N CYS A 328 -8.30 -16.21 -5.50
CA CYS A 328 -6.95 -16.10 -6.03
C CYS A 328 -6.93 -15.70 -7.49
N ALA A 329 -5.93 -14.94 -7.90
CA ALA A 329 -5.81 -14.49 -9.28
C ALA A 329 -5.73 -15.65 -10.28
N ASP A 330 -5.37 -16.84 -9.82
CA ASP A 330 -5.30 -18.03 -10.66
C ASP A 330 -6.70 -18.28 -11.30
N SER A 331 -7.73 -18.21 -10.46
CA SER A 331 -9.12 -18.33 -10.88
C SER A 331 -9.51 -19.31 -11.98
N ARG A 332 -9.46 -20.61 -11.73
CA ARG A 332 -9.88 -21.48 -12.81
C ARG A 332 -11.41 -21.62 -12.92
N VAL A 333 -12.17 -20.97 -12.04
CA VAL A 333 -13.65 -20.97 -12.13
C VAL A 333 -14.21 -19.64 -11.62
N PRO A 334 -15.11 -19.00 -12.40
CA PRO A 334 -15.68 -17.73 -11.95
C PRO A 334 -16.45 -17.95 -10.65
N ALA A 335 -16.34 -17.00 -9.72
CA ALA A 335 -17.00 -17.09 -8.42
C ALA A 335 -18.48 -17.39 -8.54
N ASN A 336 -19.17 -16.59 -9.35
CA ASN A 336 -20.61 -16.77 -9.54
C ASN A 336 -20.92 -18.18 -10.04
N GLN A 337 -20.05 -18.72 -10.89
CA GLN A 337 -20.26 -20.06 -11.45
C GLN A 337 -20.15 -21.17 -10.43
N ILE A 338 -19.06 -21.16 -9.67
CA ILE A 338 -18.82 -22.20 -8.69
C ILE A 338 -19.94 -22.34 -7.66
N ILE A 339 -20.63 -21.25 -7.35
CA ILE A 339 -21.72 -21.30 -6.41
C ILE A 339 -23.08 -21.18 -7.08
N ASN A 340 -23.10 -21.45 -8.38
CA ASN A 340 -24.35 -21.47 -9.14
C ASN A 340 -25.20 -20.19 -9.09
N LEU A 341 -24.57 -19.03 -9.32
CA LEU A 341 -25.27 -17.75 -9.30
C LEU A 341 -25.01 -17.00 -10.57
N PRO A 342 -25.96 -16.14 -10.97
CA PRO A 342 -25.89 -15.32 -12.17
C PRO A 342 -24.71 -14.38 -12.15
N ALA A 343 -24.13 -14.15 -13.32
CA ALA A 343 -22.99 -13.26 -13.46
C ALA A 343 -23.36 -11.90 -12.86
N GLY A 344 -22.66 -11.49 -11.81
CA GLY A 344 -22.96 -10.21 -11.22
C GLY A 344 -23.73 -10.22 -9.92
N GLU A 345 -23.90 -11.39 -9.33
CA GLU A 345 -24.58 -11.42 -8.06
C GLU A 345 -23.55 -11.59 -6.97
N VAL A 346 -22.28 -11.61 -7.36
CA VAL A 346 -21.19 -11.72 -6.42
C VAL A 346 -20.13 -10.66 -6.73
N PHE A 347 -19.75 -9.92 -5.69
CA PHE A 347 -18.75 -8.85 -5.73
C PHE A 347 -17.45 -9.62 -5.54
N VAL A 348 -16.45 -9.41 -6.40
CA VAL A 348 -15.21 -10.18 -6.34
C VAL A 348 -13.89 -9.44 -6.20
N HIS A 349 -13.02 -9.97 -5.35
CA HIS A 349 -11.68 -9.42 -5.15
C HIS A 349 -10.72 -10.59 -5.41
N ARG A 350 -9.71 -10.38 -6.24
CA ARG A 350 -8.75 -11.42 -6.53
C ARG A 350 -7.36 -10.89 -6.49
N ASN A 351 -6.50 -11.64 -5.82
CA ASN A 351 -5.09 -11.29 -5.71
C ASN A 351 -4.30 -12.61 -5.66
N ILE A 352 -2.99 -12.53 -5.57
CA ILE A 352 -2.15 -13.70 -5.52
C ILE A 352 -2.28 -14.40 -4.20
N ALA A 353 -2.79 -15.64 -4.26
CA ALA A 353 -2.94 -16.49 -3.09
C ALA A 353 -4.04 -16.04 -2.13
N ASN A 354 -5.09 -15.42 -2.68
CA ASN A 354 -6.23 -14.96 -1.90
C ASN A 354 -5.94 -14.41 -0.52
N GLN A 355 -4.97 -13.48 -0.47
CA GLN A 355 -4.52 -12.84 0.77
C GLN A 355 -5.47 -11.77 1.29
N CYS A 356 -5.57 -11.69 2.61
CA CYS A 356 -6.40 -10.70 3.30
C CYS A 356 -5.50 -10.08 4.36
N ILE A 357 -4.43 -9.44 3.89
CA ILE A 357 -3.47 -8.80 4.76
C ILE A 357 -4.15 -7.71 5.60
N HIS A 358 -3.82 -7.66 6.89
CA HIS A 358 -4.42 -6.71 7.84
C HIS A 358 -4.48 -5.27 7.33
N SER A 359 -3.34 -4.81 6.82
CA SER A 359 -3.21 -3.45 6.34
C SER A 359 -3.25 -3.25 4.83
N ASP A 360 -3.78 -4.20 4.09
CA ASP A 360 -3.85 -4.10 2.63
C ASP A 360 -5.01 -3.23 2.16
N MET A 361 -4.74 -2.03 1.62
CA MET A 361 -5.78 -1.10 1.16
C MET A 361 -6.64 -1.64 0.03
N SER A 362 -6.06 -2.37 -0.90
CA SER A 362 -6.88 -2.93 -1.98
C SER A 362 -7.94 -3.87 -1.38
N PHE A 363 -7.52 -4.72 -0.45
CA PHE A 363 -8.42 -5.63 0.25
C PHE A 363 -9.43 -4.86 1.13
N LEU A 364 -8.92 -3.95 1.98
CA LEU A 364 -9.80 -3.16 2.86
C LEU A 364 -10.86 -2.33 2.15
N SER A 365 -10.49 -1.74 1.01
CA SER A 365 -11.43 -0.92 0.24
C SER A 365 -12.57 -1.76 -0.32
N VAL A 366 -12.26 -2.94 -0.85
CA VAL A 366 -13.31 -3.82 -1.39
C VAL A 366 -14.20 -4.29 -0.23
N LEU A 367 -13.58 -4.68 0.89
CA LEU A 367 -14.29 -5.16 2.09
C LEU A 367 -15.26 -4.10 2.59
N GLN A 368 -14.75 -2.91 2.85
CA GLN A 368 -15.59 -1.82 3.35
C GLN A 368 -16.75 -1.53 2.40
N TYR A 369 -16.43 -1.38 1.11
CA TYR A 369 -17.45 -1.11 0.12
C TYR A 369 -18.57 -2.18 0.15
N ALA A 370 -18.19 -3.45 0.24
CA ALA A 370 -19.16 -4.56 0.25
C ALA A 370 -19.94 -4.68 1.55
N VAL A 371 -19.23 -4.67 2.67
CA VAL A 371 -19.85 -4.82 3.97
C VAL A 371 -20.60 -3.58 4.44
N GLN A 372 -19.95 -2.43 4.41
CA GLN A 372 -20.60 -1.20 4.87
C GLN A 372 -21.60 -0.55 3.94
N TYR A 373 -21.26 -0.47 2.65
CA TYR A 373 -22.14 0.17 1.68
C TYR A 373 -23.11 -0.74 0.94
N LEU A 374 -22.64 -1.86 0.38
CA LEU A 374 -23.54 -2.77 -0.30
C LEU A 374 -24.27 -3.64 0.72
N LYS A 375 -23.72 -3.73 1.93
CA LYS A 375 -24.33 -4.53 2.97
C LYS A 375 -24.48 -6.02 2.61
N VAL A 376 -23.41 -6.65 2.11
CA VAL A 376 -23.46 -8.07 1.75
C VAL A 376 -23.61 -8.92 3.02
N LYS A 377 -24.35 -10.02 2.92
CA LYS A 377 -24.59 -10.91 4.05
C LYS A 377 -23.45 -11.89 4.32
N ARG A 378 -22.67 -12.22 3.30
CA ARG A 378 -21.57 -13.15 3.44
C ARG A 378 -20.28 -12.70 2.79
N VAL A 379 -19.17 -13.03 3.42
CA VAL A 379 -17.88 -12.74 2.84
C VAL A 379 -17.25 -14.13 2.74
N VAL A 380 -16.87 -14.53 1.54
CA VAL A 380 -16.25 -15.83 1.32
C VAL A 380 -14.78 -15.71 0.93
N VAL A 381 -13.88 -16.36 1.67
CA VAL A 381 -12.46 -16.37 1.30
C VAL A 381 -12.26 -17.75 0.65
N CYS A 382 -11.90 -17.75 -0.63
CA CYS A 382 -11.72 -19.00 -1.35
C CYS A 382 -10.31 -19.26 -1.83
N GLY A 383 -9.76 -20.38 -1.37
CA GLY A 383 -8.43 -20.80 -1.79
C GLY A 383 -8.65 -21.96 -2.76
N HIS A 384 -7.60 -22.50 -3.36
CA HIS A 384 -7.76 -23.62 -4.29
C HIS A 384 -6.55 -24.54 -4.22
N TYR A 385 -6.78 -25.85 -4.34
CA TYR A 385 -5.69 -26.81 -4.26
C TYR A 385 -4.68 -26.61 -5.36
N ALA A 386 -3.42 -26.85 -5.04
CA ALA A 386 -2.33 -26.67 -5.99
C ALA A 386 -2.08 -25.21 -6.41
N CYS A 387 -2.60 -24.26 -5.64
CA CYS A 387 -2.40 -22.82 -5.90
C CYS A 387 -0.93 -22.45 -6.21
N GLY A 388 -0.69 -21.91 -7.40
CA GLY A 388 0.65 -21.52 -7.82
C GLY A 388 1.26 -20.42 -6.98
N GLY A 389 0.42 -19.53 -6.45
CA GLY A 389 0.93 -18.46 -5.60
C GLY A 389 1.50 -19.02 -4.30
N CYS A 390 0.77 -19.97 -3.72
CA CYS A 390 1.19 -20.63 -2.49
C CYS A 390 2.41 -21.49 -2.74
N ALA A 391 2.44 -22.18 -3.87
CA ALA A 391 3.60 -23.00 -4.24
C ALA A 391 4.79 -22.08 -4.41
N ALA A 392 4.55 -20.94 -5.03
CA ALA A 392 5.61 -19.97 -5.26
C ALA A 392 6.19 -19.46 -3.95
N ALA A 393 5.33 -19.32 -2.93
CA ALA A 393 5.74 -18.82 -1.63
C ALA A 393 6.81 -19.67 -0.95
N LEU A 394 6.91 -20.94 -1.35
CA LEU A 394 7.90 -21.84 -0.75
C LEU A 394 9.22 -21.88 -1.53
N GLY A 395 9.26 -21.20 -2.67
CA GLY A 395 10.45 -21.20 -3.52
C GLY A 395 11.55 -20.24 -3.11
N ASP A 396 12.55 -20.11 -3.97
CA ASP A 396 13.70 -19.24 -3.68
C ASP A 396 13.78 -17.95 -4.52
N SER A 397 12.69 -17.59 -5.19
CA SER A 397 12.66 -16.40 -6.04
C SER A 397 12.86 -15.09 -5.28
N ARG A 398 13.62 -14.15 -5.85
CA ARG A 398 13.85 -12.88 -5.15
C ARG A 398 13.22 -11.63 -5.79
N LEU A 399 12.09 -11.81 -6.46
CA LEU A 399 11.38 -10.73 -7.11
C LEU A 399 10.82 -9.75 -6.08
N GLY A 400 11.28 -8.50 -6.18
CA GLY A 400 10.91 -7.44 -5.27
C GLY A 400 9.47 -7.23 -4.90
N LEU A 401 8.54 -7.45 -5.82
CA LEU A 401 7.16 -7.23 -5.48
C LEU A 401 6.39 -8.49 -5.12
N ILE A 402 6.46 -9.50 -5.98
CA ILE A 402 5.73 -10.72 -5.73
C ILE A 402 6.29 -11.51 -4.55
N ASP A 403 7.61 -11.58 -4.42
CA ASP A 403 8.16 -12.37 -3.33
C ASP A 403 8.09 -11.79 -1.93
N ASN A 404 7.94 -10.46 -1.82
CA ASN A 404 7.76 -9.85 -0.50
C ASN A 404 6.29 -9.99 -0.10
N TRP A 405 5.40 -9.88 -1.08
CA TRP A 405 3.97 -10.12 -0.86
C TRP A 405 3.77 -11.59 -0.32
N LEU A 406 4.41 -12.57 -0.97
CA LEU A 406 4.29 -13.98 -0.58
C LEU A 406 4.85 -14.35 0.79
N ARG A 407 5.67 -13.48 1.37
CA ARG A 407 6.24 -13.74 2.70
C ARG A 407 5.15 -13.98 3.74
N HIS A 408 3.96 -13.50 3.45
CA HIS A 408 2.84 -13.69 4.35
C HIS A 408 2.43 -15.17 4.43
N ILE A 409 2.59 -15.88 3.31
CA ILE A 409 2.27 -17.31 3.27
C ILE A 409 3.35 -18.06 4.05
N ARG A 410 4.55 -17.50 4.07
CA ARG A 410 5.64 -18.11 4.80
C ARG A 410 5.36 -18.04 6.31
N ASP A 411 4.73 -16.95 6.75
CA ASP A 411 4.37 -16.80 8.17
C ASP A 411 3.39 -17.89 8.57
N VAL A 412 2.46 -18.18 7.68
CA VAL A 412 1.48 -19.22 7.91
C VAL A 412 2.19 -20.57 8.08
N ARG A 413 3.17 -20.86 7.22
CA ARG A 413 3.90 -22.10 7.27
C ARG A 413 4.61 -22.22 8.61
N ARG A 414 5.37 -21.17 8.93
CA ARG A 414 6.15 -21.09 10.15
C ARG A 414 5.35 -21.23 11.42
N HIS A 415 4.14 -20.70 11.45
CA HIS A 415 3.33 -20.78 12.65
C HIS A 415 2.46 -22.02 12.72
N ASN A 416 2.58 -22.92 11.75
CA ASN A 416 1.74 -24.11 11.74
C ASN A 416 2.52 -25.37 11.45
N GLN A 417 3.79 -25.37 11.84
CA GLN A 417 4.67 -26.50 11.64
C GLN A 417 4.19 -27.73 12.42
N ALA A 418 3.46 -27.51 13.50
CA ALA A 418 2.94 -28.62 14.29
C ALA A 418 2.14 -29.53 13.38
N GLU A 419 1.21 -28.95 12.64
CA GLU A 419 0.39 -29.68 11.70
C GLU A 419 1.12 -29.99 10.41
N LEU A 420 1.85 -29.02 9.87
CA LEU A 420 2.55 -29.25 8.61
C LEU A 420 3.62 -30.36 8.67
N SER A 421 4.29 -30.51 9.80
CA SER A 421 5.32 -31.53 10.02
C SER A 421 4.83 -32.95 9.83
N ARG A 422 3.56 -33.17 10.11
CA ARG A 422 2.94 -34.48 9.98
C ARG A 422 2.87 -34.92 8.53
N ILE A 423 2.95 -33.96 7.62
CA ILE A 423 2.82 -34.24 6.19
C ILE A 423 4.15 -34.05 5.52
N THR A 424 4.57 -35.06 4.77
CA THR A 424 5.83 -35.03 4.08
C THR A 424 5.60 -35.03 2.58
N ASP A 425 4.51 -35.64 2.12
CA ASP A 425 4.24 -35.64 0.71
C ASP A 425 4.05 -34.18 0.30
N PRO A 426 4.86 -33.69 -0.65
CA PRO A 426 4.87 -32.34 -1.20
C PRO A 426 3.50 -31.83 -1.59
N LYS A 427 2.77 -32.63 -2.37
CA LYS A 427 1.44 -32.25 -2.81
C LYS A 427 0.48 -31.98 -1.64
N ASP A 428 0.34 -32.93 -0.72
CA ASP A 428 -0.58 -32.81 0.41
C ASP A 428 -0.15 -31.75 1.38
N SER A 429 1.16 -31.58 1.48
CA SER A 429 1.72 -30.62 2.34
C SER A 429 1.39 -29.20 1.84
N LEU A 430 1.46 -28.98 0.53
CA LEU A 430 1.11 -27.70 -0.08
C LEU A 430 -0.38 -27.47 0.13
N ASN A 431 -1.15 -28.49 -0.17
CA ASN A 431 -2.59 -28.41 -0.03
C ASN A 431 -3.05 -28.14 1.38
N ARG A 432 -2.27 -28.55 2.38
CA ARG A 432 -2.66 -28.28 3.77
C ARG A 432 -2.36 -26.81 4.07
N LEU A 433 -1.21 -26.36 3.61
CA LEU A 433 -0.78 -24.96 3.80
C LEU A 433 -1.85 -24.04 3.19
N ILE A 434 -2.36 -24.44 2.04
CA ILE A 434 -3.38 -23.70 1.30
C ILE A 434 -4.65 -23.61 2.15
N GLU A 435 -4.95 -24.68 2.87
CA GLU A 435 -6.15 -24.72 3.71
C GLU A 435 -6.00 -23.82 4.93
N ILE A 436 -4.87 -23.92 5.58
CA ILE A 436 -4.59 -23.11 6.76
C ILE A 436 -4.48 -21.62 6.35
N ASN A 437 -4.00 -21.36 5.13
CA ASN A 437 -3.91 -20.00 4.63
C ASN A 437 -5.31 -19.38 4.55
N VAL A 438 -6.27 -20.15 4.04
CA VAL A 438 -7.67 -19.70 3.96
C VAL A 438 -8.21 -19.39 5.37
N LEU A 439 -7.93 -20.29 6.32
CA LEU A 439 -8.37 -20.14 7.71
C LEU A 439 -7.77 -18.86 8.33
N GLU A 440 -6.48 -18.68 8.12
CA GLU A 440 -5.76 -17.52 8.60
C GLU A 440 -6.34 -16.25 7.96
N GLN A 441 -6.66 -16.30 6.66
CA GLN A 441 -7.21 -15.13 5.96
C GLN A 441 -8.61 -14.81 6.45
N MET A 442 -9.39 -15.83 6.79
CA MET A 442 -10.74 -15.64 7.33
C MET A 442 -10.60 -14.91 8.66
N HIS A 443 -9.64 -15.37 9.47
CA HIS A 443 -9.38 -14.78 10.76
C HIS A 443 -9.17 -13.29 10.55
N ASN A 444 -8.28 -12.93 9.62
CA ASN A 444 -7.97 -11.54 9.29
C ASN A 444 -9.22 -10.74 8.91
N VAL A 445 -10.12 -11.26 8.07
CA VAL A 445 -11.29 -10.44 7.76
C VAL A 445 -12.18 -10.28 8.97
N CYS A 446 -12.23 -11.29 9.83
CA CYS A 446 -13.05 -11.24 11.04
C CYS A 446 -12.50 -10.19 12.02
N ALA A 447 -11.18 -10.06 12.02
CA ALA A 447 -10.51 -9.11 12.89
C ALA A 447 -10.46 -7.67 12.36
N THR A 448 -10.91 -7.41 11.13
CA THR A 448 -10.89 -6.04 10.62
C THR A 448 -11.90 -5.14 11.35
N SER A 449 -11.58 -3.86 11.48
CA SER A 449 -12.48 -2.91 12.12
C SER A 449 -13.83 -2.93 11.40
N ILE A 450 -13.79 -3.21 10.11
CA ILE A 450 -14.96 -3.26 9.23
C ILE A 450 -15.96 -4.33 9.63
N VAL A 451 -15.49 -5.57 9.81
CA VAL A 451 -16.39 -6.66 10.19
C VAL A 451 -16.79 -6.55 11.67
N GLN A 452 -15.87 -6.11 12.53
CA GLN A 452 -16.18 -5.95 13.95
C GLN A 452 -17.25 -4.88 14.15
N ASP A 453 -17.15 -3.77 13.42
CA ASP A 453 -18.16 -2.71 13.51
C ASP A 453 -19.51 -3.23 13.05
N ALA A 454 -19.53 -3.92 11.92
CA ALA A 454 -20.77 -4.45 11.40
C ALA A 454 -21.40 -5.40 12.40
N TRP A 455 -20.59 -6.29 12.98
CA TRP A 455 -21.10 -7.26 13.93
C TRP A 455 -21.70 -6.62 15.16
N ASP A 456 -20.92 -5.80 15.86
CA ASP A 456 -21.51 -5.20 17.04
C ASP A 456 -22.54 -4.10 16.73
N ALA A 457 -22.83 -3.91 15.44
CA ALA A 457 -23.85 -2.99 14.98
C ALA A 457 -25.09 -3.86 14.72
N GLY A 458 -24.95 -5.17 14.94
CA GLY A 458 -26.03 -6.12 14.74
C GLY A 458 -26.36 -6.43 13.30
N GLN A 459 -25.41 -6.22 12.40
CA GLN A 459 -25.60 -6.48 10.98
C GLN A 459 -25.28 -7.95 10.65
N GLU A 460 -26.19 -8.64 9.95
CA GLU A 460 -25.98 -10.05 9.57
C GLU A 460 -24.80 -10.12 8.63
N LEU A 461 -23.72 -10.76 9.07
CA LEU A 461 -22.54 -10.90 8.25
C LEU A 461 -21.81 -12.18 8.60
N GLU A 462 -21.86 -13.14 7.69
CA GLU A 462 -21.20 -14.42 7.88
C GLU A 462 -19.87 -14.48 7.11
N VAL A 463 -18.80 -14.86 7.78
CA VAL A 463 -17.51 -14.99 7.12
C VAL A 463 -17.28 -16.48 6.92
N GLN A 464 -17.26 -16.91 5.66
CA GLN A 464 -17.08 -18.31 5.28
C GLN A 464 -15.72 -18.58 4.63
N GLY A 465 -15.13 -19.72 4.99
CA GLY A 465 -13.85 -20.14 4.46
C GLY A 465 -14.16 -21.34 3.58
N VAL A 466 -13.51 -21.43 2.43
CA VAL A 466 -13.83 -22.48 1.46
C VAL A 466 -12.57 -22.83 0.65
N VAL A 467 -12.48 -24.05 0.13
CA VAL A 467 -11.33 -24.46 -0.71
C VAL A 467 -11.83 -25.52 -1.68
N TYR A 468 -11.15 -25.69 -2.81
CA TYR A 468 -11.59 -26.71 -3.75
C TYR A 468 -10.46 -27.11 -4.65
N GLY A 469 -10.63 -28.25 -5.31
CA GLY A 469 -9.65 -28.75 -6.26
C GLY A 469 -10.36 -28.66 -7.60
N VAL A 470 -9.68 -28.12 -8.61
CA VAL A 470 -10.28 -27.93 -9.93
C VAL A 470 -10.67 -29.26 -10.59
N GLY A 471 -10.07 -30.34 -10.13
CA GLY A 471 -10.35 -31.67 -10.64
C GLY A 471 -11.77 -32.11 -10.38
N ASP A 472 -12.42 -31.52 -9.37
CA ASP A 472 -13.82 -31.85 -9.05
C ASP A 472 -14.72 -30.64 -8.82
N GLY A 473 -14.14 -29.46 -8.67
CA GLY A 473 -14.94 -28.26 -8.45
C GLY A 473 -15.86 -28.29 -7.25
N LYS A 474 -15.54 -29.13 -6.29
CA LYS A 474 -16.35 -29.28 -5.09
C LYS A 474 -15.79 -28.37 -4.01
N LEU A 475 -16.62 -27.50 -3.46
CA LEU A 475 -16.20 -26.60 -2.38
C LEU A 475 -16.13 -27.37 -1.06
N ARG A 476 -15.03 -27.18 -0.35
CA ARG A 476 -14.79 -27.84 0.93
C ARG A 476 -14.75 -26.77 2.04
N ASP A 477 -15.47 -27.04 3.11
CA ASP A 477 -15.60 -26.11 4.22
C ASP A 477 -14.35 -25.95 5.04
N MET A 478 -13.90 -24.70 5.21
CA MET A 478 -12.73 -24.42 6.02
C MET A 478 -13.17 -23.78 7.32
N GLY A 479 -14.46 -23.51 7.42
CA GLY A 479 -15.00 -22.91 8.62
C GLY A 479 -15.91 -21.75 8.28
N VAL A 480 -16.75 -21.36 9.24
CA VAL A 480 -17.65 -20.24 9.06
C VAL A 480 -17.74 -19.56 10.42
N VAL A 481 -17.86 -18.23 10.44
CA VAL A 481 -17.96 -17.47 11.69
C VAL A 481 -19.10 -16.50 11.49
N ALA A 482 -20.10 -16.58 12.36
CA ALA A 482 -21.24 -15.68 12.28
C ALA A 482 -21.08 -14.44 13.14
N LYS A 483 -20.26 -14.54 14.17
CA LYS A 483 -20.03 -13.38 15.04
C LYS A 483 -19.08 -13.81 16.14
N ALA A 484 -18.09 -12.98 16.41
CA ALA A 484 -17.11 -13.26 17.42
C ALA A 484 -16.37 -11.96 17.75
N ASN A 485 -16.53 -11.51 18.98
CA ASN A 485 -15.90 -10.28 19.42
C ASN A 485 -14.40 -10.47 19.48
N ASP A 486 -13.66 -9.50 18.98
CA ASP A 486 -12.23 -9.63 19.00
C ASP A 486 -11.57 -8.72 20.02
N ASP A 487 -12.30 -8.34 21.06
CA ASP A 487 -11.71 -7.46 22.08
C ASP A 487 -11.03 -8.24 23.21
N ILE A 488 -9.82 -7.82 23.55
CA ILE A 488 -9.06 -8.43 24.64
C ILE A 488 -9.17 -7.53 25.87
N GLY A 489 -8.88 -6.24 25.65
CA GLY A 489 -8.91 -5.24 26.70
C GLY A 489 -7.98 -4.08 26.39
N VAL B 9 11.89 -28.83 9.34
CA VAL B 9 12.48 -28.26 8.09
C VAL B 9 12.37 -26.72 8.10
N MET B 10 13.09 -26.11 9.03
CA MET B 10 13.10 -24.66 9.19
C MET B 10 14.31 -24.15 8.43
N SER B 11 14.27 -22.91 8.00
CA SER B 11 15.41 -22.37 7.29
C SER B 11 16.37 -21.88 8.37
N ASP B 12 17.58 -21.55 7.96
CA ASP B 12 18.57 -21.04 8.87
C ASP B 12 18.09 -19.76 9.53
N LEU B 13 17.37 -18.92 8.78
CA LEU B 13 16.86 -17.67 9.35
C LEU B 13 15.93 -18.02 10.50
N GLU B 14 14.99 -18.93 10.23
CA GLU B 14 14.03 -19.42 11.23
C GLU B 14 14.71 -19.94 12.49
N LYS B 15 15.75 -20.75 12.31
CA LYS B 15 16.47 -21.30 13.45
C LYS B 15 17.08 -20.16 14.22
N LYS B 16 17.76 -19.28 13.49
CA LYS B 16 18.39 -18.13 14.11
C LYS B 16 17.41 -17.36 15.00
N PHE B 17 16.21 -17.14 14.52
CA PHE B 17 15.31 -16.37 15.35
C PHE B 17 14.79 -17.09 16.58
N ILE B 18 14.66 -18.41 16.50
CA ILE B 18 14.22 -19.20 17.64
C ILE B 18 15.28 -19.01 18.73
N GLU B 19 16.53 -18.97 18.30
CA GLU B 19 17.66 -18.78 19.21
C GLU B 19 17.60 -17.38 19.84
N LEU B 20 17.31 -16.36 19.02
CA LEU B 20 17.25 -14.98 19.49
C LEU B 20 16.08 -14.78 20.45
N GLU B 21 14.98 -15.46 20.17
CA GLU B 21 13.85 -15.32 21.04
C GLU B 21 14.19 -15.89 22.44
N ALA B 22 14.89 -17.01 22.48
CA ALA B 22 15.27 -17.65 23.75
C ALA B 22 16.16 -16.68 24.53
N LYS B 23 17.12 -16.09 23.83
CA LYS B 23 18.01 -15.13 24.45
C LYS B 23 17.25 -13.93 25.03
N LEU B 24 16.21 -13.48 24.35
CA LEU B 24 15.43 -12.36 24.83
C LEU B 24 14.60 -12.73 26.05
N VAL B 25 13.84 -13.81 25.91
CA VAL B 25 12.95 -14.33 26.92
C VAL B 25 13.62 -14.69 28.27
N ALA B 26 14.94 -14.88 28.24
CA ALA B 26 15.71 -15.20 29.43
C ALA B 26 16.00 -13.96 30.27
N GLN B 27 15.71 -12.77 29.73
CA GLN B 27 15.92 -11.51 30.43
C GLN B 27 14.54 -10.96 30.74
N PRO B 28 14.39 -10.28 31.88
CA PRO B 28 13.05 -9.77 32.15
C PRO B 28 12.70 -8.56 31.30
N ALA B 29 11.41 -8.39 31.06
CA ALA B 29 10.85 -7.29 30.31
C ALA B 29 11.44 -5.98 30.81
N GLY B 30 12.05 -5.23 29.91
CA GLY B 30 12.66 -3.96 30.25
C GLY B 30 14.06 -4.02 30.83
N GLN B 31 14.61 -5.21 31.01
CA GLN B 31 15.93 -5.30 31.59
C GLN B 31 16.99 -5.86 30.67
N ALA B 32 16.67 -6.04 29.39
CA ALA B 32 17.64 -6.55 28.44
C ALA B 32 18.91 -5.70 28.56
N MET B 33 20.08 -6.30 28.45
CA MET B 33 21.35 -5.57 28.58
C MET B 33 21.79 -5.05 27.21
N PRO B 34 22.65 -4.03 27.21
CA PRO B 34 23.17 -3.47 25.97
C PRO B 34 24.01 -4.62 25.35
N GLY B 35 24.21 -4.57 24.04
CA GLY B 35 24.94 -5.62 23.37
C GLY B 35 26.39 -5.40 23.04
N LYS B 36 26.80 -5.99 21.91
CA LYS B 36 28.20 -5.93 21.43
C LYS B 36 28.62 -4.75 20.55
N SER B 37 27.83 -4.48 19.51
CA SER B 37 28.11 -3.41 18.57
C SER B 37 28.62 -2.12 19.21
N ASN B 38 29.33 -1.34 18.39
CA ASN B 38 29.84 -0.06 18.86
C ASN B 38 28.67 0.95 19.04
N ILE B 39 27.48 0.62 18.52
CA ILE B 39 26.34 1.52 18.71
C ILE B 39 25.93 1.60 20.17
N PHE B 40 26.15 0.51 20.91
CA PHE B 40 25.82 0.51 22.34
C PHE B 40 26.86 1.36 23.08
N ALA B 41 28.12 1.24 22.66
CA ALA B 41 29.20 2.03 23.25
C ALA B 41 28.98 3.53 22.95
N ASN B 42 28.53 3.82 21.73
CA ASN B 42 28.29 5.18 21.32
C ASN B 42 27.10 5.74 22.03
N ASN B 43 26.06 4.92 22.19
CA ASN B 43 24.87 5.33 22.90
C ASN B 43 25.22 5.65 24.34
N GLU B 44 26.12 4.86 24.91
CA GLU B 44 26.54 5.06 26.29
C GLU B 44 27.32 6.34 26.43
N ALA B 45 28.28 6.55 25.54
CA ALA B 45 29.08 7.78 25.56
C ALA B 45 28.15 9.00 25.55
N TRP B 46 27.12 8.94 24.71
CA TRP B 46 26.13 10.01 24.60
C TRP B 46 25.42 10.22 25.95
N ARG B 47 24.90 9.14 26.53
CA ARG B 47 24.18 9.23 27.81
C ARG B 47 25.06 9.91 28.85
N GLN B 48 26.32 9.50 28.89
CA GLN B 48 27.27 10.06 29.84
C GLN B 48 27.46 11.53 29.63
N GLU B 49 27.77 11.92 28.39
CA GLU B 49 27.95 13.32 28.08
C GLU B 49 26.68 14.13 28.42
N MET B 50 25.51 13.57 28.14
CA MET B 50 24.27 14.26 28.43
C MET B 50 24.08 14.45 29.91
N LEU B 51 24.28 13.39 30.68
CA LEU B 51 24.11 13.47 32.13
C LEU B 51 25.12 14.42 32.76
N LYS B 52 26.31 14.45 32.18
CA LYS B 52 27.39 15.31 32.64
C LYS B 52 27.06 16.79 32.40
N GLN B 53 26.40 17.11 31.29
CA GLN B 53 26.03 18.49 30.99
C GLN B 53 24.77 18.85 31.78
N ASP B 54 23.88 17.89 31.93
CA ASP B 54 22.65 18.14 32.63
C ASP B 54 22.14 16.83 33.20
N PRO B 55 22.27 16.65 34.52
CA PRO B 55 21.84 15.45 35.21
C PRO B 55 20.34 15.21 35.13
N GLU B 56 19.56 16.22 34.72
CA GLU B 56 18.11 16.07 34.60
C GLU B 56 17.73 15.77 33.15
N PHE B 57 18.74 15.55 32.32
CA PHE B 57 18.52 15.29 30.90
C PHE B 57 17.46 14.28 30.54
N PHE B 58 17.56 13.06 31.09
CA PHE B 58 16.58 12.03 30.78
C PHE B 58 15.28 12.23 31.51
N ASN B 59 15.33 12.79 32.72
CA ASN B 59 14.12 13.01 33.49
C ASN B 59 13.21 13.97 32.73
N ARG B 60 13.82 14.98 32.11
CA ARG B 60 13.07 15.94 31.32
C ARG B 60 12.55 15.26 30.05
N LEU B 61 13.44 14.52 29.38
CA LEU B 61 13.09 13.78 28.16
C LEU B 61 11.89 12.86 28.43
N ALA B 62 12.01 12.02 29.45
CA ALA B 62 10.95 11.07 29.81
C ALA B 62 9.65 11.76 30.21
N ASN B 63 9.72 13.05 30.52
CA ASN B 63 8.53 13.76 30.94
C ASN B 63 8.21 14.99 30.08
N GLY B 64 8.40 14.87 28.78
CA GLY B 64 8.10 15.98 27.91
C GLY B 64 6.61 16.08 27.69
N GLN B 65 6.19 17.08 26.90
CA GLN B 65 4.76 17.30 26.63
C GLN B 65 4.34 16.58 25.35
N SER B 66 3.05 16.25 25.22
CA SER B 66 2.56 15.59 23.99
C SER B 66 2.87 16.46 22.78
N PRO B 67 3.08 15.83 21.63
CA PRO B 67 3.35 16.58 20.40
C PRO B 67 2.10 17.28 19.87
N GLU B 68 2.29 18.50 19.38
CA GLU B 68 1.19 19.27 18.80
C GLU B 68 1.38 19.29 17.29
N TYR B 69 2.53 18.76 16.85
CA TYR B 69 2.84 18.70 15.42
C TYR B 69 3.06 17.30 14.90
N LEU B 70 2.56 17.07 13.70
CA LEU B 70 2.79 15.84 12.96
C LEU B 70 3.73 16.37 11.87
N TRP B 71 4.86 15.71 11.67
CA TRP B 71 5.80 16.12 10.65
C TRP B 71 6.07 14.95 9.72
N ILE B 72 5.76 15.14 8.43
CA ILE B 72 5.99 14.12 7.42
C ILE B 72 7.20 14.57 6.62
N GLY B 73 8.32 13.89 6.82
CA GLY B 73 9.57 14.23 6.16
C GLY B 73 10.18 13.13 5.34
N CYS B 74 11.39 13.38 4.85
CA CYS B 74 12.10 12.45 4.01
C CYS B 74 13.12 11.66 4.81
N ALA B 75 13.35 10.42 4.38
CA ALA B 75 14.32 9.54 5.02
C ALA B 75 15.75 10.01 4.95
N ASP B 76 16.13 10.73 3.89
CA ASP B 76 17.53 11.20 3.82
C ASP B 76 17.63 12.60 4.30
N SER B 77 17.21 12.85 5.54
CA SER B 77 17.24 14.21 6.07
C SER B 77 18.28 14.46 7.12
N ARG B 78 19.07 15.52 6.90
CA ARG B 78 20.15 15.86 7.78
C ARG B 78 19.78 16.69 8.99
N VAL B 79 18.52 16.91 9.24
CA VAL B 79 18.13 17.69 10.41
C VAL B 79 16.86 17.20 11.07
N PRO B 80 16.95 16.86 12.37
CA PRO B 80 15.77 16.37 13.09
C PRO B 80 14.67 17.45 13.11
N ALA B 81 13.43 17.00 12.91
CA ALA B 81 12.27 17.85 12.87
C ALA B 81 12.15 18.78 14.06
N ASN B 82 12.30 18.26 15.27
CA ASN B 82 12.20 19.06 16.49
C ASN B 82 13.26 20.13 16.52
N GLN B 83 14.42 19.84 15.95
CA GLN B 83 15.51 20.79 15.91
C GLN B 83 15.16 21.97 15.03
N LEU B 84 14.74 21.69 13.80
CA LEU B 84 14.33 22.74 12.87
C LEU B 84 13.22 23.64 13.45
N LEU B 85 12.35 23.04 14.27
CA LEU B 85 11.26 23.79 14.86
C LEU B 85 11.62 24.41 16.20
N ASP B 86 12.86 24.21 16.63
CA ASP B 86 13.34 24.71 17.93
C ASP B 86 12.45 24.16 19.05
N LEU B 87 12.12 22.87 18.98
CA LEU B 87 11.26 22.19 19.96
C LEU B 87 11.97 20.99 20.60
N PRO B 88 11.55 20.62 21.83
CA PRO B 88 12.13 19.48 22.54
C PRO B 88 11.85 18.18 21.76
N ALA B 89 12.77 17.22 21.86
CA ALA B 89 12.59 15.95 21.18
C ALA B 89 11.26 15.40 21.70
N GLY B 90 10.56 14.65 20.88
CA GLY B 90 9.30 14.11 21.33
C GLY B 90 8.15 15.10 21.24
N GLU B 91 8.44 16.36 20.98
CA GLU B 91 7.34 17.31 20.86
C GLU B 91 6.81 17.32 19.44
N VAL B 92 7.47 16.57 18.57
CA VAL B 92 7.04 16.47 17.18
C VAL B 92 6.89 14.99 16.84
N PHE B 93 5.71 14.61 16.37
CA PHE B 93 5.42 13.25 15.96
C PHE B 93 5.95 13.15 14.52
N VAL B 94 6.89 12.24 14.25
CA VAL B 94 7.52 12.14 12.94
C VAL B 94 7.29 10.90 12.08
N HIS B 95 7.06 11.15 10.79
CA HIS B 95 6.88 10.08 9.81
C HIS B 95 7.94 10.39 8.76
N ARG B 96 8.67 9.39 8.32
CA ARG B 96 9.70 9.62 7.31
C ARG B 96 9.67 8.52 6.30
N ASN B 97 9.77 8.89 5.04
CA ASN B 97 9.76 7.94 3.97
C ASN B 97 10.55 8.54 2.80
N ILE B 98 10.62 7.83 1.68
CA ILE B 98 11.36 8.34 0.54
C ILE B 98 10.63 9.52 -0.11
N ALA B 99 11.30 10.67 -0.11
CA ALA B 99 10.77 11.90 -0.70
C ALA B 99 9.52 12.47 -0.06
N ASN B 100 9.38 12.30 1.26
CA ASN B 100 8.23 12.84 2.02
C ASN B 100 6.88 12.77 1.31
N GLN B 101 6.55 11.59 0.83
CA GLN B 101 5.31 11.36 0.12
C GLN B 101 4.11 11.18 1.02
N CYS B 102 2.99 11.62 0.50
CA CYS B 102 1.72 11.51 1.17
C CYS B 102 0.78 10.93 0.12
N ILE B 103 1.07 9.69 -0.27
CA ILE B 103 0.28 8.94 -1.27
C ILE B 103 -1.11 8.63 -0.73
N HIS B 104 -2.13 8.95 -1.52
CA HIS B 104 -3.52 8.75 -1.13
C HIS B 104 -3.84 7.44 -0.42
N SER B 105 -3.40 6.33 -1.00
CA SER B 105 -3.68 5.00 -0.45
C SER B 105 -2.57 4.30 0.32
N ASP B 106 -1.55 5.06 0.72
CA ASP B 106 -0.43 4.52 1.47
C ASP B 106 -0.87 4.43 2.93
N ILE B 107 -1.07 3.20 3.41
CA ILE B 107 -1.52 2.96 4.78
C ILE B 107 -0.44 3.32 5.79
N SER B 108 0.83 3.27 5.43
CA SER B 108 1.82 3.65 6.44
C SER B 108 1.66 5.15 6.75
N PHE B 109 1.32 5.92 5.72
CA PHE B 109 1.14 7.35 5.85
C PHE B 109 -0.19 7.60 6.54
N LEU B 110 -1.25 6.96 6.04
CA LEU B 110 -2.58 7.11 6.58
C LEU B 110 -2.71 6.74 8.05
N SER B 111 -2.02 5.69 8.48
CA SER B 111 -2.09 5.29 9.88
C SER B 111 -1.38 6.25 10.83
N VAL B 112 -0.25 6.82 10.41
CA VAL B 112 0.46 7.80 11.23
C VAL B 112 -0.40 9.07 11.35
N LEU B 113 -1.02 9.45 10.24
CA LEU B 113 -1.90 10.62 10.16
C LEU B 113 -3.10 10.46 11.11
N GLN B 114 -3.80 9.34 10.99
CA GLN B 114 -4.95 9.09 11.84
C GLN B 114 -4.58 8.99 13.31
N TYR B 115 -3.44 8.40 13.60
CA TYR B 115 -3.00 8.30 14.98
C TYR B 115 -2.75 9.73 15.48
N ALA B 116 -1.99 10.51 14.72
CA ALA B 116 -1.69 11.90 15.09
C ALA B 116 -2.96 12.75 15.29
N VAL B 117 -3.90 12.63 14.37
CA VAL B 117 -5.14 13.41 14.43
C VAL B 117 -6.18 12.93 15.44
N GLN B 118 -6.49 11.63 15.44
CA GLN B 118 -7.49 11.09 16.34
C GLN B 118 -6.99 10.67 17.71
N TYR B 119 -5.82 10.05 17.75
CA TYR B 119 -5.30 9.64 19.04
C TYR B 119 -4.63 10.81 19.73
N LEU B 120 -3.64 11.42 19.08
CA LEU B 120 -2.91 12.51 19.67
C LEU B 120 -3.57 13.89 19.65
N LYS B 121 -4.58 14.07 18.81
CA LYS B 121 -5.24 15.37 18.71
C LYS B 121 -4.19 16.45 18.36
N VAL B 122 -3.35 16.12 17.38
CA VAL B 122 -2.31 17.00 16.89
C VAL B 122 -2.99 18.24 16.27
N LYS B 123 -2.44 19.43 16.49
CA LYS B 123 -3.04 20.65 15.95
C LYS B 123 -2.50 21.11 14.61
N HIS B 124 -1.26 20.76 14.31
CA HIS B 124 -0.66 21.21 13.09
C HIS B 124 0.06 20.06 12.46
N ILE B 125 -0.05 19.96 11.13
CA ILE B 125 0.62 18.93 10.35
C ILE B 125 1.55 19.67 9.39
N LEU B 126 2.81 19.26 9.33
CA LEU B 126 3.79 19.86 8.45
C LEU B 126 4.34 18.83 7.49
N VAL B 127 4.40 19.16 6.20
CA VAL B 127 5.00 18.28 5.21
C VAL B 127 6.27 19.05 4.86
N CYS B 128 7.42 18.45 5.10
CA CYS B 128 8.68 19.11 4.84
C CYS B 128 9.52 18.38 3.82
N GLY B 129 9.97 19.11 2.80
CA GLY B 129 10.82 18.57 1.76
C GLY B 129 12.15 19.26 1.95
N HIS B 130 13.18 18.82 1.23
CA HIS B 130 14.49 19.44 1.37
C HIS B 130 15.18 19.46 0.01
N TYR B 131 15.91 20.54 -0.28
CA TYR B 131 16.60 20.68 -1.55
C TYR B 131 17.67 19.59 -1.69
N GLY B 132 17.89 19.10 -2.90
CA GLY B 132 18.87 18.05 -3.09
C GLY B 132 18.37 16.65 -2.75
N CYS B 133 17.10 16.53 -2.41
CA CYS B 133 16.48 15.24 -2.07
C CYS B 133 16.86 14.13 -3.05
N GLY B 134 17.55 13.10 -2.55
CA GLY B 134 17.94 11.94 -3.36
C GLY B 134 16.76 11.24 -3.98
N GLY B 135 15.61 11.24 -3.31
CA GLY B 135 14.44 10.59 -3.88
C GLY B 135 13.96 11.32 -5.11
N ALA B 136 13.81 12.63 -4.99
CA ALA B 136 13.35 13.47 -6.10
C ALA B 136 14.33 13.44 -7.27
N LYS B 137 15.61 13.42 -6.94
CA LYS B 137 16.69 13.38 -7.91
C LYS B 137 16.71 12.06 -8.71
N ALA B 138 16.49 10.95 -8.01
CA ALA B 138 16.45 9.63 -8.64
C ALA B 138 15.30 9.56 -9.63
N ALA B 139 14.17 10.17 -9.26
CA ALA B 139 12.98 10.21 -10.12
C ALA B 139 13.25 10.83 -11.50
N LEU B 140 14.17 11.80 -11.55
CA LEU B 140 14.51 12.50 -12.79
C LEU B 140 15.73 11.91 -13.52
N GLY B 141 16.76 11.56 -12.76
CA GLY B 141 17.97 11.10 -13.38
C GLY B 141 18.40 9.66 -13.36
N ASP B 142 17.53 8.74 -12.94
CA ASP B 142 17.91 7.33 -12.89
C ASP B 142 16.73 6.49 -13.29
N SER B 143 17.00 5.37 -13.95
CA SER B 143 15.91 4.48 -14.34
C SER B 143 16.26 3.02 -14.03
N ARG B 144 15.31 2.12 -14.27
CA ARG B 144 15.52 0.69 -14.03
C ARG B 144 15.93 0.46 -12.57
N LEU B 145 15.30 1.19 -11.66
CA LEU B 145 15.64 1.05 -10.24
C LEU B 145 14.90 -0.08 -9.51
N GLY B 146 13.99 -0.78 -10.20
CA GLY B 146 13.26 -1.86 -9.55
C GLY B 146 12.11 -1.43 -8.66
N LEU B 147 11.95 -2.14 -7.53
CA LEU B 147 10.89 -1.90 -6.54
C LEU B 147 10.61 -0.41 -6.29
N ILE B 148 11.64 0.32 -5.86
CA ILE B 148 11.50 1.74 -5.56
C ILE B 148 11.05 2.64 -6.71
N ASP B 149 11.22 2.21 -7.95
CA ASP B 149 10.78 3.03 -9.07
C ASP B 149 9.27 3.17 -9.06
N ASN B 150 8.57 2.20 -8.47
CA ASN B 150 7.12 2.24 -8.38
C ASN B 150 6.68 3.29 -7.36
N TRP B 151 7.50 3.47 -6.34
CA TRP B 151 7.22 4.49 -5.33
C TRP B 151 7.46 5.86 -6.02
N LEU B 152 8.61 5.97 -6.69
CA LEU B 152 9.00 7.19 -7.39
C LEU B 152 8.10 7.62 -8.55
N ARG B 153 7.22 6.73 -9.02
CA ARG B 153 6.29 7.10 -10.07
C ARG B 153 5.39 8.24 -9.59
N HIS B 154 5.19 8.37 -8.29
CA HIS B 154 4.35 9.44 -7.76
C HIS B 154 5.00 10.81 -7.95
N ILE B 155 6.32 10.86 -7.84
CA ILE B 155 7.07 12.09 -8.04
C ILE B 155 6.98 12.46 -9.53
N ARG B 156 6.95 11.43 -10.38
CA ARG B 156 6.83 11.59 -11.82
C ARG B 156 5.48 12.21 -12.16
N ASP B 157 4.45 11.88 -11.39
CA ASP B 157 3.14 12.47 -11.60
C ASP B 157 3.23 13.96 -11.29
N VAL B 158 4.05 14.33 -10.32
CA VAL B 158 4.21 15.74 -9.97
C VAL B 158 4.88 16.47 -11.14
N ARG B 159 5.89 15.86 -11.77
CA ARG B 159 6.56 16.49 -12.90
C ARG B 159 5.58 16.60 -14.07
N ARG B 160 4.78 15.57 -14.24
CA ARG B 160 3.78 15.51 -15.28
C ARG B 160 2.73 16.63 -15.13
N MET B 161 2.12 16.70 -13.95
CA MET B 161 1.09 17.69 -13.67
C MET B 161 1.60 19.11 -13.72
N ASN B 162 2.90 19.29 -13.52
CA ASN B 162 3.48 20.61 -13.47
C ASN B 162 4.52 20.87 -14.53
N ALA B 163 4.36 20.25 -15.69
CA ALA B 163 5.30 20.45 -16.77
C ALA B 163 5.51 21.94 -17.08
N LYS B 164 4.41 22.70 -17.14
CA LYS B 164 4.46 24.14 -17.43
C LYS B 164 5.42 24.91 -16.54
N TYR B 165 5.45 24.57 -15.27
CA TYR B 165 6.35 25.24 -14.33
C TYR B 165 7.76 24.71 -14.46
N LEU B 166 7.89 23.42 -14.74
CA LEU B 166 9.22 22.83 -14.83
C LEU B 166 10.02 23.19 -16.10
N ASP B 167 9.37 23.13 -17.27
CA ASP B 167 10.00 23.43 -18.56
C ASP B 167 10.49 24.88 -18.58
N LYS B 168 9.88 25.70 -17.74
CA LYS B 168 10.23 27.11 -17.59
C LYS B 168 11.63 27.25 -16.97
N CYS B 169 11.99 26.31 -16.11
CA CYS B 169 13.28 26.30 -15.41
C CYS B 169 14.52 26.35 -16.28
N LYS B 170 15.46 27.20 -15.87
CA LYS B 170 16.70 27.43 -16.60
C LYS B 170 17.77 26.37 -16.61
N ASP B 171 17.86 25.57 -15.56
CA ASP B 171 18.85 24.51 -15.52
C ASP B 171 18.43 23.38 -14.61
N GLY B 172 19.23 22.32 -14.62
CA GLY B 172 18.95 21.15 -13.82
C GLY B 172 18.70 21.41 -12.36
N ASP B 173 19.54 22.25 -11.75
CA ASP B 173 19.39 22.55 -10.32
C ASP B 173 18.12 23.33 -10.03
N GLU B 174 17.82 24.31 -10.87
CA GLU B 174 16.61 25.09 -10.70
C GLU B 174 15.41 24.17 -10.89
N GLU B 175 15.52 23.22 -11.81
CA GLU B 175 14.42 22.31 -12.08
C GLU B 175 14.21 21.30 -10.94
N LEU B 176 15.30 20.90 -10.28
CA LEU B 176 15.18 19.97 -9.18
C LEU B 176 14.57 20.74 -8.02
N ASN B 177 15.07 21.96 -7.78
CA ASN B 177 14.54 22.80 -6.71
C ASN B 177 13.05 22.96 -6.87
N ARG B 178 12.61 23.31 -8.07
CA ARG B 178 11.19 23.51 -8.31
C ARG B 178 10.35 22.24 -8.15
N LEU B 179 10.88 21.09 -8.58
CA LEU B 179 10.17 19.78 -8.45
C LEU B 179 9.97 19.47 -6.96
N ILE B 180 11.02 19.67 -6.19
CA ILE B 180 10.98 19.44 -4.75
C ILE B 180 9.92 20.34 -4.09
N GLU B 181 9.87 21.60 -4.49
CA GLU B 181 8.87 22.51 -3.96
C GLU B 181 7.45 22.11 -4.38
N LEU B 182 7.29 21.74 -5.64
CA LEU B 182 5.99 21.32 -6.14
C LEU B 182 5.61 19.99 -5.49
N ASN B 183 6.60 19.14 -5.23
CA ASN B 183 6.32 17.85 -4.58
C ASN B 183 5.70 18.11 -3.20
N VAL B 184 6.33 18.99 -2.40
CA VAL B 184 5.79 19.33 -1.09
C VAL B 184 4.35 19.83 -1.23
N LEU B 185 4.09 20.74 -2.16
CA LEU B 185 2.74 21.30 -2.36
C LEU B 185 1.72 20.25 -2.70
N GLU B 186 2.12 19.32 -3.55
CA GLU B 186 1.24 18.22 -3.93
C GLU B 186 0.96 17.31 -2.71
N GLN B 187 1.95 17.06 -1.87
CA GLN B 187 1.73 16.23 -0.69
C GLN B 187 0.79 16.95 0.29
N VAL B 188 0.95 18.26 0.44
CA VAL B 188 0.06 19.05 1.31
C VAL B 188 -1.37 18.87 0.81
N HIS B 189 -1.55 18.93 -0.51
CA HIS B 189 -2.86 18.73 -1.08
C HIS B 189 -3.40 17.36 -0.66
N ASN B 190 -2.56 16.34 -0.78
CA ASN B 190 -2.93 14.97 -0.42
C ASN B 190 -3.30 14.85 1.07
N VAL B 191 -2.52 15.45 1.95
CA VAL B 191 -2.87 15.41 3.36
C VAL B 191 -4.28 16.01 3.58
N CYS B 192 -4.57 17.16 2.98
CA CYS B 192 -5.87 17.83 3.16
C CYS B 192 -7.01 17.04 2.61
N ALA B 193 -6.72 16.28 1.55
CA ALA B 193 -7.72 15.47 0.87
C ALA B 193 -8.03 14.13 1.53
N THR B 194 -7.23 13.70 2.51
CA THR B 194 -7.48 12.42 3.19
C THR B 194 -8.82 12.44 3.89
N SER B 195 -9.41 11.27 4.07
CA SER B 195 -10.70 11.16 4.77
C SER B 195 -10.51 11.69 6.20
N ILE B 196 -9.33 11.45 6.76
CA ILE B 196 -8.96 11.86 8.13
C ILE B 196 -9.04 13.38 8.32
N VAL B 197 -8.35 14.14 7.46
CA VAL B 197 -8.38 15.60 7.57
C VAL B 197 -9.76 16.15 7.14
N GLN B 198 -10.41 15.52 6.17
CA GLN B 198 -11.72 15.99 5.75
C GLN B 198 -12.74 15.79 6.86
N ASP B 199 -12.69 14.65 7.52
CA ASP B 199 -13.60 14.37 8.63
C ASP B 199 -13.36 15.35 9.79
N ALA B 200 -12.09 15.51 10.17
CA ALA B 200 -11.72 16.44 11.26
C ALA B 200 -12.24 17.84 10.96
N TRP B 201 -12.01 18.31 9.74
CA TRP B 201 -12.47 19.63 9.36
C TRP B 201 -13.97 19.73 9.36
N ASP B 202 -14.64 18.66 8.93
CA ASP B 202 -16.09 18.65 8.95
C ASP B 202 -16.60 18.76 10.40
N ALA B 203 -15.88 18.14 11.34
CA ALA B 203 -16.26 18.18 12.74
C ALA B 203 -15.75 19.46 13.44
N GLY B 204 -15.25 20.40 12.64
CA GLY B 204 -14.74 21.64 13.19
C GLY B 204 -13.51 21.51 14.06
N GLN B 205 -12.72 20.46 13.88
CA GLN B 205 -11.50 20.27 14.66
C GLN B 205 -10.41 21.19 14.16
N GLU B 206 -9.70 21.83 15.08
CA GLU B 206 -8.64 22.77 14.74
C GLU B 206 -7.49 21.95 14.18
N LEU B 207 -7.19 22.11 12.89
CA LEU B 207 -6.12 21.35 12.28
C LEU B 207 -5.59 22.01 11.00
N THR B 208 -4.37 22.51 11.06
CA THR B 208 -3.78 23.15 9.88
C THR B 208 -2.81 22.20 9.18
N VAL B 209 -2.69 22.35 7.86
CA VAL B 209 -1.73 21.56 7.11
C VAL B 209 -0.91 22.60 6.39
N GLN B 210 0.40 22.54 6.56
CA GLN B 210 1.26 23.50 5.91
C GLN B 210 2.49 22.84 5.28
N GLY B 211 2.95 23.39 4.16
CA GLY B 211 4.13 22.89 3.49
C GLY B 211 5.36 23.73 3.84
N VAL B 212 6.53 23.10 3.84
CA VAL B 212 7.75 23.80 4.17
C VAL B 212 8.93 23.07 3.47
N VAL B 213 10.02 23.79 3.14
CA VAL B 213 11.21 23.18 2.50
C VAL B 213 12.36 23.91 3.12
N TYR B 214 13.57 23.37 2.95
CA TYR B 214 14.74 24.05 3.44
C TYR B 214 15.90 23.45 2.74
N GLY B 215 17.02 24.14 2.74
CA GLY B 215 18.24 23.64 2.17
C GLY B 215 19.10 23.45 3.41
N VAL B 216 19.84 22.36 3.48
CA VAL B 216 20.68 22.06 4.64
C VAL B 216 21.79 23.07 4.82
N GLY B 217 22.10 23.79 3.76
CA GLY B 217 23.14 24.82 3.82
C GLY B 217 22.83 26.00 4.74
N ASP B 218 21.57 26.19 5.13
CA ASP B 218 21.19 27.28 6.03
C ASP B 218 20.14 26.86 7.06
N GLY B 219 19.50 25.73 6.82
CA GLY B 219 18.48 25.24 7.73
C GLY B 219 17.29 26.15 7.86
N LYS B 220 17.05 26.97 6.85
CA LYS B 220 15.93 27.92 6.90
C LYS B 220 14.68 27.40 6.23
N LEU B 221 13.61 27.30 6.99
CA LEU B 221 12.36 26.82 6.45
C LEU B 221 11.69 27.91 5.60
N ARG B 222 11.26 27.52 4.40
CA ARG B 222 10.60 28.41 3.46
C ARG B 222 9.15 27.95 3.39
N ASP B 223 8.25 28.89 3.20
CA ASP B 223 6.84 28.59 3.17
C ASP B 223 6.27 28.12 1.83
N LEU B 224 5.45 27.06 1.86
CA LEU B 224 4.82 26.56 0.64
C LEU B 224 3.33 26.80 0.76
N GLY B 225 2.90 27.26 1.93
CA GLY B 225 1.50 27.52 2.12
C GLY B 225 0.88 26.74 3.25
N VAL B 226 -0.18 27.31 3.82
CA VAL B 226 -0.91 26.70 4.93
C VAL B 226 -2.37 26.63 4.56
N VAL B 227 -3.01 25.51 4.83
CA VAL B 227 -4.44 25.42 4.57
C VAL B 227 -5.05 25.13 5.94
N VAL B 228 -6.05 25.93 6.29
CA VAL B 228 -6.69 25.86 7.58
C VAL B 228 -7.90 24.94 7.61
N ASN B 229 -8.72 25.04 6.58
CA ASN B 229 -9.92 24.21 6.49
C ASN B 229 -10.53 24.43 5.12
N SER B 230 -10.44 23.44 4.24
CA SER B 230 -11.01 23.56 2.90
C SER B 230 -11.66 22.24 2.53
N SER B 231 -12.97 22.25 2.33
CA SER B 231 -13.67 21.04 1.92
C SER B 231 -13.17 20.62 0.57
N ASP B 232 -13.02 19.31 0.39
CA ASP B 232 -12.58 18.76 -0.87
C ASP B 232 -13.78 18.12 -1.55
N ASP B 233 -14.96 18.45 -1.07
CA ASP B 233 -16.20 17.90 -1.61
C ASP B 233 -16.59 18.37 -3.01
N ILE B 234 -16.99 17.44 -3.87
CA ILE B 234 -17.47 17.78 -5.20
C ILE B 234 -18.80 17.09 -5.45
N SER B 235 -19.31 16.33 -4.47
CA SER B 235 -20.61 15.65 -4.66
C SER B 235 -21.76 16.64 -4.84
N LYS B 236 -21.58 17.86 -4.33
CA LYS B 236 -22.58 18.94 -4.47
C LYS B 236 -22.77 19.33 -5.96
N PHE B 237 -21.79 19.01 -6.80
CA PHE B 237 -21.89 19.31 -8.22
C PHE B 237 -22.53 18.16 -8.97
N TYR B 238 -22.70 17.01 -8.31
CA TYR B 238 -23.27 15.84 -8.97
C TYR B 238 -24.46 15.19 -8.36
N ARG B 239 -24.80 15.58 -7.15
CA ARG B 239 -25.93 14.96 -6.49
C ARG B 239 -26.94 16.00 -6.10
N THR B 240 -28.20 15.72 -6.42
CA THR B 240 -29.27 16.61 -6.03
C THR B 240 -29.42 16.42 -4.51
N LYS B 241 -29.86 17.45 -3.80
CA LYS B 241 -30.02 17.37 -2.34
C LYS B 241 -30.77 16.14 -1.83
N SER B 242 -31.69 15.64 -2.66
CA SER B 242 -32.48 14.47 -2.32
C SER B 242 -31.65 13.19 -2.47
N ASP B 243 -30.90 13.11 -3.58
CA ASP B 243 -30.06 11.96 -3.87
C ASP B 243 -28.79 11.95 -3.01
N SER B 244 -28.49 13.07 -2.38
CA SER B 244 -27.33 13.22 -1.52
C SER B 244 -27.34 12.18 -0.39
N GLY B 245 -26.17 11.61 -0.08
CA GLY B 245 -26.07 10.59 0.95
C GLY B 245 -26.57 9.25 0.46
N ALA B 246 -26.64 9.10 -0.86
CA ALA B 246 -27.13 7.88 -1.50
C ALA B 246 -26.44 6.60 -1.06
N LEU B 247 -25.16 6.49 -1.39
CA LEU B 247 -24.34 5.32 -1.10
C LEU B 247 -24.28 4.93 0.37
N LYS B 248 -24.11 5.91 1.25
CA LYS B 248 -24.05 5.65 2.68
C LYS B 248 -25.40 5.10 3.20
N ALA B 249 -26.48 5.49 2.54
CA ALA B 249 -27.82 5.03 2.90
C ALA B 249 -28.18 3.72 2.17
N GLY B 250 -27.15 3.04 1.67
CA GLY B 250 -27.35 1.77 0.98
C GLY B 250 -27.72 1.83 -0.48
N ASN B 251 -28.01 3.02 -1.01
CA ASN B 251 -28.38 3.13 -2.42
C ASN B 251 -27.24 3.59 -3.33
N PRO B 252 -26.52 2.64 -3.95
CA PRO B 252 -25.41 3.00 -4.83
C PRO B 252 -25.88 3.32 -6.24
N ASN B 253 -27.17 3.13 -6.49
CA ASN B 253 -27.75 3.36 -7.82
C ASN B 253 -28.37 4.74 -8.06
N ALA B 254 -28.35 5.62 -7.05
CA ALA B 254 -28.90 6.96 -7.18
C ALA B 254 -28.19 7.62 -8.37
N PRO B 255 -28.92 8.33 -9.23
CA PRO B 255 -28.34 9.01 -10.41
C PRO B 255 -27.31 10.11 -10.15
N LEU B 256 -26.43 10.30 -11.14
CA LEU B 256 -25.45 11.37 -11.07
C LEU B 256 -26.00 12.46 -11.95
N VAL B 257 -26.33 13.60 -11.34
CA VAL B 257 -26.89 14.75 -12.03
C VAL B 257 -25.85 15.87 -12.07
N GLN B 258 -25.43 16.26 -13.27
CA GLN B 258 -24.44 17.33 -13.45
C GLN B 258 -25.07 18.69 -13.08
N VAL B 259 -25.05 19.00 -11.78
CA VAL B 259 -25.60 20.26 -11.26
C VAL B 259 -24.90 21.48 -11.89
N THR B 260 -23.59 21.37 -12.06
CA THR B 260 -22.79 22.42 -12.67
C THR B 260 -21.66 21.74 -13.45
N LYS B 261 -21.25 22.39 -14.53
CA LYS B 261 -20.22 21.87 -15.43
C LYS B 261 -18.83 21.53 -14.88
N GLY B 262 -17.98 22.54 -14.70
CA GLY B 262 -16.65 22.23 -14.24
C GLY B 262 -16.38 22.68 -12.82
N GLY B 263 -17.15 22.16 -11.88
CA GLY B 263 -16.96 22.56 -10.50
C GLY B 263 -15.68 22.04 -9.86
N GLU B 264 -15.08 22.85 -9.00
CA GLU B 264 -13.88 22.47 -8.30
C GLU B 264 -14.19 22.70 -6.83
N SER B 265 -13.65 21.87 -5.96
CA SER B 265 -13.94 22.01 -4.54
C SER B 265 -13.20 23.20 -3.93
N GLU B 266 -13.48 23.46 -2.64
CA GLU B 266 -12.77 24.53 -1.95
C GLU B 266 -11.29 24.22 -1.93
N LEU B 267 -10.95 22.94 -1.73
CA LEU B 267 -9.54 22.56 -1.67
C LEU B 267 -8.83 22.85 -2.98
N ASP B 268 -9.48 22.53 -4.09
CA ASP B 268 -8.91 22.77 -5.42
C ASP B 268 -8.51 24.23 -5.58
N SER B 269 -9.44 25.12 -5.23
CA SER B 269 -9.18 26.55 -5.30
C SER B 269 -8.04 26.98 -4.39
N THR B 270 -8.04 26.48 -3.17
CA THR B 270 -7.01 26.78 -2.18
C THR B 270 -5.61 26.41 -2.71
N MET B 271 -5.51 25.23 -3.31
CA MET B 271 -4.24 24.76 -3.83
C MET B 271 -3.80 25.57 -5.04
N GLU B 272 -4.76 25.99 -5.86
CA GLU B 272 -4.53 26.80 -7.05
C GLU B 272 -3.84 28.07 -6.62
N LYS B 273 -4.36 28.65 -5.55
CA LYS B 273 -3.77 29.86 -4.98
C LYS B 273 -2.35 29.66 -4.48
N LEU B 274 -2.14 28.60 -3.68
CA LEU B 274 -0.82 28.32 -3.13
C LEU B 274 0.17 28.02 -4.24
N THR B 275 -0.29 27.32 -5.27
CA THR B 275 0.60 27.01 -6.38
C THR B 275 1.05 28.31 -7.03
N ALA B 276 0.10 29.22 -7.22
CA ALA B 276 0.39 30.53 -7.83
C ALA B 276 1.44 31.27 -7.02
N GLU B 277 1.32 31.19 -5.71
CA GLU B 277 2.27 31.86 -4.85
C GLU B 277 3.62 31.22 -4.85
N LEU B 278 3.67 29.91 -5.06
CA LEU B 278 4.97 29.23 -5.08
C LEU B 278 5.68 29.57 -6.36
N VAL B 279 4.99 29.29 -7.45
CA VAL B 279 5.53 29.47 -8.79
C VAL B 279 6.07 30.85 -9.16
N GLN B 280 5.48 31.90 -8.60
CA GLN B 280 5.93 33.25 -8.89
C GLN B 280 7.24 33.58 -8.23
N GLN B 281 7.77 32.70 -7.36
CA GLN B 281 9.06 32.95 -6.68
C GLN B 281 10.17 32.17 -7.37
N THR B 282 11.41 32.52 -7.07
CA THR B 282 12.56 31.87 -7.67
C THR B 282 12.80 30.51 -7.04
N PRO B 283 12.97 29.46 -7.85
CA PRO B 283 13.22 28.12 -7.31
C PRO B 283 14.44 28.09 -6.41
N GLY B 284 14.24 27.57 -5.20
CA GLY B 284 15.32 27.49 -4.24
C GLY B 284 15.54 28.74 -3.39
N LYS B 285 14.75 29.78 -3.63
CA LYS B 285 14.86 31.04 -2.89
C LYS B 285 13.51 31.50 -2.40
N LEU B 286 12.70 30.56 -1.94
CA LEU B 286 11.37 30.92 -1.45
C LEU B 286 11.47 31.72 -0.15
N LYS B 287 10.44 32.49 0.13
CA LYS B 287 10.40 33.28 1.35
C LYS B 287 9.95 32.45 2.54
N GLU B 288 10.31 32.89 3.73
CA GLU B 288 9.86 32.21 4.91
C GLU B 288 8.50 32.86 5.16
N GLY B 289 7.62 32.18 5.86
CA GLY B 289 6.31 32.72 6.15
C GLY B 289 6.41 33.48 7.46
N ALA B 290 5.31 34.00 7.98
CA ALA B 290 5.37 34.75 9.24
C ALA B 290 4.91 33.95 10.46
N ASN B 291 4.41 32.74 10.25
CA ASN B 291 3.95 31.85 11.31
C ASN B 291 5.09 31.53 12.30
N ARG B 292 4.73 31.20 13.55
CA ARG B 292 5.71 30.89 14.58
C ARG B 292 6.72 29.82 14.19
N VAL B 293 6.32 28.90 13.32
CA VAL B 293 7.18 27.84 12.80
C VAL B 293 8.47 28.45 12.20
N PHE B 294 8.31 29.55 11.48
CA PHE B 294 9.45 30.20 10.84
C PHE B 294 10.25 31.03 11.82
N VAL B 295 9.56 31.71 12.73
CA VAL B 295 10.27 32.53 13.72
C VAL B 295 11.06 31.65 14.68
N ASN B 296 10.49 30.53 15.09
CA ASN B 296 11.18 29.59 15.97
C ASN B 296 12.36 29.00 15.20
N ASN B 297 12.11 28.59 13.97
CA ASN B 297 13.19 28.04 13.17
C ASN B 297 14.35 29.05 13.08
N GLU B 298 14.01 30.33 12.92
CA GLU B 298 15.00 31.40 12.83
C GLU B 298 15.82 31.56 14.11
N ASN B 299 15.17 31.51 15.27
CA ASN B 299 15.88 31.63 16.55
C ASN B 299 16.86 30.46 16.63
N TRP B 300 16.36 29.26 16.31
CA TRP B 300 17.18 28.06 16.32
C TRP B 300 18.42 28.26 15.47
N ARG B 301 18.25 28.68 14.22
CA ARG B 301 19.37 28.91 13.34
C ARG B 301 20.42 29.85 13.92
N GLN B 302 19.99 31.00 14.42
CA GLN B 302 20.91 31.98 15.03
C GLN B 302 21.68 31.38 16.17
N LYS B 303 21.00 30.62 17.02
CA LYS B 303 21.61 29.96 18.16
C LYS B 303 22.72 29.02 17.67
N MET B 304 22.45 28.30 16.58
CA MET B 304 23.40 27.36 16.00
C MET B 304 24.61 28.08 15.43
N LEU B 305 24.34 29.13 14.66
CA LEU B 305 25.41 29.92 14.07
C LEU B 305 26.27 30.56 15.15
N LYS B 306 25.68 30.88 16.29
CA LYS B 306 26.42 31.48 17.38
C LYS B 306 27.48 30.53 17.87
N GLN B 307 27.06 29.34 18.26
CA GLN B 307 27.99 28.33 18.73
C GLN B 307 28.86 27.73 17.61
N ASP B 308 28.49 28.00 16.36
CA ASP B 308 29.26 27.48 15.23
C ASP B 308 28.83 28.15 13.92
N PRO B 309 29.64 29.09 13.44
CA PRO B 309 29.41 29.84 12.19
C PRO B 309 29.39 28.98 10.91
N GLN B 310 29.95 27.77 11.00
CA GLN B 310 29.99 26.83 9.88
C GLN B 310 29.02 25.66 10.11
N PHE B 311 28.30 25.71 11.24
CA PHE B 311 27.35 24.68 11.64
C PHE B 311 26.58 24.06 10.47
N PHE B 312 26.00 24.90 9.63
CA PHE B 312 25.21 24.41 8.51
C PHE B 312 26.01 23.94 7.32
N SER B 313 27.17 24.55 7.06
CA SER B 313 28.01 24.15 5.93
C SER B 313 28.57 22.75 6.21
N ASN B 314 28.95 22.49 7.47
CA ASN B 314 29.46 21.18 7.88
C ASN B 314 28.32 20.18 7.71
N LEU B 315 27.14 20.55 8.19
CA LEU B 315 25.94 19.73 8.08
C LEU B 315 25.74 19.33 6.62
N ALA B 316 26.06 20.25 5.71
CA ALA B 316 25.92 20.02 4.28
C ALA B 316 27.04 19.19 3.66
N HIS B 317 28.00 18.75 4.47
CA HIS B 317 29.12 17.97 3.96
C HIS B 317 29.09 16.53 4.39
N THR B 318 28.41 16.26 5.52
CA THR B 318 28.33 14.91 6.08
C THR B 318 28.20 13.80 5.03
N GLN B 319 29.03 12.77 5.19
CA GLN B 319 29.06 11.64 4.25
C GLN B 319 27.80 10.77 4.23
N THR B 320 27.60 10.05 3.12
CA THR B 320 26.47 9.14 2.92
C THR B 320 26.31 8.27 4.17
N PRO B 321 25.07 8.14 4.66
CA PRO B 321 24.78 7.34 5.85
C PRO B 321 25.15 5.88 5.69
N GLU B 322 25.71 5.31 6.74
CA GLU B 322 26.08 3.90 6.72
C GLU B 322 25.07 3.04 7.48
N ILE B 323 23.98 3.67 7.94
CA ILE B 323 22.92 2.97 8.66
C ILE B 323 21.52 3.40 8.32
N LEU B 324 20.62 2.42 8.28
CA LEU B 324 19.21 2.66 8.07
C LEU B 324 18.64 2.43 9.46
N TRP B 325 17.85 3.39 9.95
CA TRP B 325 17.24 3.26 11.25
C TRP B 325 15.76 3.24 11.01
N ILE B 326 15.07 2.21 11.49
CA ILE B 326 13.62 2.10 11.37
C ILE B 326 13.08 2.24 12.79
N GLY B 327 12.44 3.36 13.07
CA GLY B 327 11.92 3.63 14.40
C GLY B 327 10.46 3.97 14.44
N CYS B 328 9.97 4.31 15.63
CA CYS B 328 8.58 4.64 15.80
C CYS B 328 8.30 6.14 15.64
N ALA B 329 7.13 6.48 15.10
CA ALA B 329 6.76 7.87 14.91
C ALA B 329 6.73 8.69 16.21
N ASP B 330 6.69 7.99 17.35
CA ASP B 330 6.69 8.64 18.69
C ASP B 330 8.01 9.39 18.88
N SER B 331 9.10 8.73 18.49
CA SER B 331 10.43 9.39 18.48
C SER B 331 10.85 10.39 19.57
N ARG B 332 11.05 9.93 20.80
CA ARG B 332 11.47 10.94 21.76
C ARG B 332 12.96 11.27 21.69
N VAL B 333 13.71 10.61 20.81
CA VAL B 333 15.14 10.92 20.61
C VAL B 333 15.54 10.70 19.15
N PRO B 334 16.20 11.71 18.54
CA PRO B 334 16.60 11.51 17.14
C PRO B 334 17.56 10.34 17.03
N ALA B 335 17.41 9.55 15.98
CA ALA B 335 18.26 8.37 15.73
C ALA B 335 19.74 8.67 15.81
N ASN B 336 20.18 9.72 15.12
CA ASN B 336 21.60 10.09 15.11
C ASN B 336 22.06 10.43 16.52
N GLN B 337 21.20 11.05 17.30
CA GLN B 337 21.54 11.43 18.67
C GLN B 337 21.75 10.25 19.58
N ILE B 338 20.76 9.35 19.61
CA ILE B 338 20.84 8.21 20.50
C ILE B 338 22.09 7.35 20.31
N ILE B 339 22.62 7.30 19.10
CA ILE B 339 23.84 6.54 18.84
C ILE B 339 25.05 7.43 18.64
N ASN B 340 24.94 8.66 19.10
CA ASN B 340 26.07 9.60 19.08
C ASN B 340 26.68 9.87 17.70
N LEU B 341 25.85 10.15 16.70
CA LEU B 341 26.33 10.43 15.35
C LEU B 341 25.77 11.75 14.88
N PRO B 342 26.50 12.43 13.99
CA PRO B 342 26.17 13.71 13.38
C PRO B 342 24.86 13.64 12.63
N ALA B 343 24.09 14.73 12.69
CA ALA B 343 22.81 14.79 12.00
C ALA B 343 23.03 14.48 10.52
N GLY B 344 22.42 13.40 10.04
CA GLY B 344 22.57 13.06 8.64
C GLY B 344 23.49 11.89 8.33
N GLU B 345 23.94 11.19 9.34
CA GLU B 345 24.78 10.04 9.06
C GLU B 345 23.94 8.78 9.19
N VAL B 346 22.66 8.98 9.45
CA VAL B 346 21.73 7.87 9.54
C VAL B 346 20.48 8.15 8.72
N PHE B 347 20.14 7.20 7.86
CA PHE B 347 18.97 7.24 6.98
C PHE B 347 17.84 6.75 7.89
N VAL B 348 16.72 7.46 7.97
CA VAL B 348 15.65 7.09 8.88
C VAL B 348 14.25 6.84 8.33
N HIS B 349 13.60 5.80 8.83
CA HIS B 349 12.23 5.48 8.45
C HIS B 349 11.43 5.43 9.76
N ARG B 350 10.30 6.13 9.84
CA ARG B 350 9.50 6.10 11.05
C ARG B 350 8.06 5.93 10.73
N ASN B 351 7.42 5.03 11.49
CA ASN B 351 6.01 4.78 11.32
C ASN B 351 5.46 4.41 12.70
N ILE B 352 4.17 4.12 12.79
CA ILE B 352 3.54 3.75 14.05
C ILE B 352 3.95 2.37 14.48
N ALA B 353 4.63 2.31 15.63
CA ALA B 353 5.08 1.08 16.25
C ALA B 353 6.20 0.39 15.50
N ASN B 354 7.06 1.18 14.84
CA ASN B 354 8.22 0.70 14.07
C ASN B 354 8.01 -0.63 13.33
N GLN B 355 6.93 -0.69 12.56
CA GLN B 355 6.55 -1.88 11.80
C GLN B 355 7.38 -2.10 10.54
N CYS B 356 7.64 -3.37 10.24
CA CYS B 356 8.37 -3.77 9.03
C CYS B 356 7.53 -4.86 8.37
N ILE B 357 6.32 -4.49 7.99
CA ILE B 357 5.37 -5.38 7.36
C ILE B 357 5.96 -5.93 6.06
N HIS B 358 5.79 -7.23 5.83
CA HIS B 358 6.36 -7.90 4.65
C HIS B 358 6.12 -7.19 3.32
N SER B 359 4.87 -6.80 3.11
CA SER B 359 4.45 -6.17 1.87
C SER B 359 4.26 -4.65 1.92
N ASP B 360 4.82 -3.98 2.92
CA ASP B 360 4.66 -2.53 3.05
C ASP B 360 5.59 -1.77 2.12
N MET B 361 5.06 -1.13 1.08
CA MET B 361 5.88 -0.39 0.12
C MET B 361 6.69 0.78 0.70
N SER B 362 6.11 1.50 1.65
CA SER B 362 6.86 2.59 2.27
C SER B 362 8.13 2.02 2.93
N PHE B 363 7.97 0.93 3.67
CA PHE B 363 9.10 0.26 4.33
C PHE B 363 10.07 -0.33 3.27
N LEU B 364 9.54 -1.10 2.31
CA LEU B 364 10.39 -1.72 1.28
C LEU B 364 11.21 -0.74 0.43
N SER B 365 10.61 0.40 0.09
CA SER B 365 11.28 1.42 -0.72
C SER B 365 12.45 2.02 0.02
N VAL B 366 12.26 2.34 1.30
CA VAL B 366 13.37 2.89 2.12
C VAL B 366 14.47 1.80 2.25
N LEU B 367 14.05 0.56 2.54
CA LEU B 367 15.00 -0.56 2.69
C LEU B 367 15.85 -0.72 1.46
N GLN B 368 15.20 -0.88 0.31
CA GLN B 368 15.92 -1.07 -0.95
C GLN B 368 16.88 0.06 -1.23
N TYR B 369 16.38 1.29 -1.10
CA TYR B 369 17.20 2.47 -1.34
C TYR B 369 18.45 2.46 -0.48
N ALA B 370 18.30 2.14 0.80
CA ALA B 370 19.42 2.11 1.72
C ALA B 370 20.39 0.93 1.50
N VAL B 371 19.84 -0.27 1.42
CA VAL B 371 20.63 -1.48 1.26
C VAL B 371 21.22 -1.63 -0.14
N GLN B 372 20.38 -1.52 -1.16
CA GLN B 372 20.86 -1.69 -2.51
C GLN B 372 21.62 -0.54 -3.14
N TYR B 373 21.11 0.68 -2.95
CA TYR B 373 21.74 1.86 -3.54
C TYR B 373 22.75 2.60 -2.67
N LEU B 374 22.40 2.91 -1.42
CA LEU B 374 23.36 3.59 -0.55
C LEU B 374 24.35 2.58 0.03
N LYS B 375 23.98 1.30 0.01
CA LYS B 375 24.84 0.23 0.53
C LYS B 375 25.18 0.39 2.01
N VAL B 376 24.19 0.63 2.85
CA VAL B 376 24.42 0.77 4.29
C VAL B 376 24.88 -0.59 4.88
N LYS B 377 25.74 -0.54 5.90
CA LYS B 377 26.27 -1.74 6.54
C LYS B 377 25.35 -2.32 7.60
N ARG B 378 24.53 -1.48 8.20
CA ARG B 378 23.61 -1.92 9.25
C ARG B 378 22.20 -1.42 9.09
N VAL B 379 21.24 -2.24 9.51
CA VAL B 379 19.86 -1.83 9.49
C VAL B 379 19.44 -2.05 10.94
N VAL B 380 19.00 -0.99 11.61
CA VAL B 380 18.58 -1.06 12.99
C VAL B 380 17.07 -0.88 13.15
N VAL B 381 16.40 -1.86 13.76
CA VAL B 381 14.97 -1.70 14.04
C VAL B 381 14.92 -1.31 15.52
N CYS B 382 14.40 -0.11 15.79
CA CYS B 382 14.33 0.40 17.14
C CYS B 382 12.94 0.63 17.69
N GLY B 383 12.65 -0.05 18.79
CA GLY B 383 11.37 0.12 19.44
C GLY B 383 11.63 0.91 20.71
N HIS B 384 10.59 1.25 21.48
CA HIS B 384 10.81 2.00 22.72
C HIS B 384 9.79 1.62 23.77
N TYR B 385 10.23 1.59 25.02
CA TYR B 385 9.34 1.20 26.11
C TYR B 385 8.17 2.13 26.23
N ALA B 386 7.03 1.57 26.61
CA ALA B 386 5.80 2.33 26.74
C ALA B 386 5.24 2.90 25.42
N CYS B 387 5.71 2.37 24.29
CA CYS B 387 5.23 2.80 22.97
C CYS B 387 3.72 2.90 22.87
N GLY B 388 3.21 4.11 22.58
CA GLY B 388 1.78 4.34 22.47
C GLY B 388 1.13 3.63 21.33
N GLY B 389 1.86 3.40 20.26
CA GLY B 389 1.30 2.68 19.12
C GLY B 389 1.02 1.24 19.53
N CYS B 390 1.97 0.65 20.27
CA CYS B 390 1.83 -0.73 20.76
C CYS B 390 0.74 -0.81 21.79
N ALA B 391 0.66 0.19 22.69
CA ALA B 391 -0.37 0.21 23.70
C ALA B 391 -1.72 0.33 23.01
N ALA B 392 -1.78 1.15 21.95
CA ALA B 392 -3.02 1.38 21.20
C ALA B 392 -3.47 0.09 20.52
N ALA B 393 -2.52 -0.74 20.14
CA ALA B 393 -2.82 -2.02 19.48
C ALA B 393 -3.64 -2.98 20.35
N LEU B 394 -3.59 -2.82 21.66
CA LEU B 394 -4.33 -3.67 22.59
C LEU B 394 -5.70 -3.11 22.97
N GLY B 395 -6.00 -1.89 22.51
CA GLY B 395 -7.27 -1.25 22.83
C GLY B 395 -8.44 -1.68 21.97
N ASP B 396 -9.57 -0.98 22.12
CA ASP B 396 -10.79 -1.33 21.39
C ASP B 396 -11.20 -0.33 20.28
N SER B 397 -10.28 0.55 19.88
CA SER B 397 -10.58 1.57 18.87
C SER B 397 -10.89 0.97 17.49
N ARG B 398 -11.86 1.55 16.78
CA ARG B 398 -12.22 1.03 15.45
C ARG B 398 -11.88 1.95 14.25
N LEU B 399 -10.82 2.74 14.38
CA LEU B 399 -10.37 3.64 13.31
C LEU B 399 -9.82 2.88 12.11
N GLY B 400 -10.52 3.07 10.99
CA GLY B 400 -10.20 2.39 9.75
C GLY B 400 -8.78 2.29 9.28
N LEU B 401 -7.97 3.31 9.51
CA LEU B 401 -6.62 3.21 9.04
C LEU B 401 -5.61 2.80 10.09
N ILE B 402 -5.63 3.48 11.23
CA ILE B 402 -4.68 3.16 12.27
C ILE B 402 -4.93 1.80 12.92
N ASP B 403 -6.20 1.45 13.15
CA ASP B 403 -6.47 0.20 13.83
C ASP B 403 -6.31 -1.07 13.02
N ASN B 404 -6.34 -0.97 11.70
CA ASN B 404 -6.11 -2.14 10.85
C ASN B 404 -4.61 -2.31 10.70
N TRP B 405 -3.88 -1.20 10.67
CA TRP B 405 -2.43 -1.23 10.64
C TRP B 405 -1.93 -1.93 11.93
N LEU B 406 -2.48 -1.55 13.08
CA LEU B 406 -2.07 -2.11 14.37
C LEU B 406 -2.38 -3.62 14.58
N ARG B 407 -3.25 -4.18 13.75
CA ARG B 407 -3.60 -5.59 13.86
C ARG B 407 -2.37 -6.47 13.78
N HIS B 408 -1.30 -5.95 13.19
CA HIS B 408 -0.04 -6.68 13.08
C HIS B 408 0.61 -6.91 14.45
N ILE B 409 0.45 -5.95 15.36
CA ILE B 409 0.99 -6.08 16.71
C ILE B 409 0.14 -7.10 17.48
N ARG B 410 -1.13 -7.22 17.11
CA ARG B 410 -2.02 -8.19 17.71
C ARG B 410 -1.56 -9.60 17.35
N ASP B 411 -1.09 -9.80 16.13
CA ASP B 411 -0.57 -11.11 15.71
C ASP B 411 0.63 -11.48 16.59
N VAL B 412 1.47 -10.50 16.88
CA VAL B 412 2.64 -10.74 17.71
C VAL B 412 2.18 -11.20 19.10
N ARG B 413 1.16 -10.55 19.64
CA ARG B 413 0.65 -10.90 20.94
C ARG B 413 0.17 -12.33 20.93
N ARG B 414 -0.74 -12.62 20.01
CA ARG B 414 -1.33 -13.93 19.83
C ARG B 414 -0.32 -15.06 19.67
N HIS B 415 0.73 -14.84 18.90
CA HIS B 415 1.73 -15.88 18.69
C HIS B 415 2.79 -15.97 19.77
N ASN B 416 2.65 -15.17 20.82
CA ASN B 416 3.65 -15.15 21.89
C ASN B 416 3.04 -15.18 23.27
N GLN B 417 1.87 -15.75 23.37
CA GLN B 417 1.19 -15.87 24.65
C GLN B 417 1.98 -16.74 25.65
N ALA B 418 2.78 -17.68 25.15
CA ALA B 418 3.58 -18.54 26.03
C ALA B 418 4.39 -17.64 26.96
N GLU B 419 5.12 -16.70 26.37
CA GLU B 419 5.93 -15.77 27.13
C GLU B 419 5.11 -14.66 27.76
N LEU B 420 4.17 -14.09 27.01
CA LEU B 420 3.37 -12.99 27.55
C LEU B 420 2.52 -13.39 28.77
N SER B 421 2.02 -14.62 28.78
CA SER B 421 1.20 -15.13 29.89
C SER B 421 1.90 -15.07 31.24
N ARG B 422 3.22 -15.22 31.23
CA ARG B 422 4.03 -15.20 32.45
C ARG B 422 4.01 -13.84 33.13
N ILE B 423 3.67 -12.80 32.38
CA ILE B 423 3.66 -11.43 32.89
C ILE B 423 2.24 -10.92 33.00
N THR B 424 1.89 -10.45 34.20
CA THR B 424 0.54 -9.97 34.46
C THR B 424 0.54 -8.46 34.70
N ASP B 425 1.66 -7.93 35.18
CA ASP B 425 1.73 -6.50 35.35
C ASP B 425 1.64 -5.87 33.94
N PRO B 426 0.63 -5.02 33.73
CA PRO B 426 0.33 -4.31 32.48
C PRO B 426 1.54 -3.62 31.86
N LYS B 427 2.25 -2.83 32.66
CA LYS B 427 3.43 -2.13 32.17
C LYS B 427 4.47 -3.07 31.57
N ASP B 428 4.92 -4.06 32.35
CA ASP B 428 5.93 -5.01 31.92
C ASP B 428 5.48 -5.86 30.78
N SER B 429 4.20 -6.21 30.79
CA SER B 429 3.65 -7.03 29.76
C SER B 429 3.64 -6.26 28.42
N LEU B 430 3.37 -4.96 28.46
CA LEU B 430 3.38 -4.13 27.24
C LEU B 430 4.81 -4.04 26.74
N ASN B 431 5.71 -3.76 27.68
CA ASN B 431 7.10 -3.66 27.36
C ASN B 431 7.67 -4.95 26.80
N ARG B 432 7.12 -6.11 27.17
CA ARG B 432 7.64 -7.37 26.64
C ARG B 432 7.17 -7.50 25.20
N LEU B 433 5.91 -7.16 24.97
CA LEU B 433 5.28 -7.21 23.66
C LEU B 433 6.07 -6.31 22.72
N ILE B 434 6.50 -5.16 23.23
CA ILE B 434 7.29 -4.18 22.49
C ILE B 434 8.64 -4.78 22.08
N GLU B 435 9.22 -5.61 22.95
CA GLU B 435 10.51 -6.25 22.66
C GLU B 435 10.34 -7.33 21.60
N ILE B 436 9.32 -8.14 21.75
CA ILE B 436 9.07 -9.23 20.81
C ILE B 436 8.68 -8.64 19.45
N ASN B 437 8.00 -7.49 19.46
CA ASN B 437 7.62 -6.81 18.22
C ASN B 437 8.87 -6.41 17.45
N VAL B 438 9.89 -5.94 18.17
CA VAL B 438 11.17 -5.56 17.55
C VAL B 438 11.82 -6.79 16.93
N LEU B 439 11.79 -7.89 17.67
CA LEU B 439 12.38 -9.15 17.25
C LEU B 439 11.68 -9.64 15.99
N GLU B 440 10.36 -9.62 16.04
CA GLU B 440 9.54 -10.03 14.90
C GLU B 440 9.79 -9.13 13.67
N GLN B 441 9.97 -7.82 13.88
CA GLN B 441 10.22 -6.88 12.77
C GLN B 441 11.60 -7.10 12.18
N MET B 442 12.56 -7.44 13.03
CA MET B 442 13.92 -7.75 12.57
C MET B 442 13.84 -8.97 11.66
N HIS B 443 13.08 -9.97 12.11
CA HIS B 443 12.91 -11.19 11.33
C HIS B 443 12.42 -10.82 9.92
N ASN B 444 11.38 -9.98 9.87
CA ASN B 444 10.81 -9.50 8.61
C ASN B 444 11.84 -8.79 7.72
N VAL B 445 12.71 -7.95 8.26
CA VAL B 445 13.67 -7.32 7.35
C VAL B 445 14.68 -8.35 6.85
N CYS B 446 14.98 -9.35 7.68
CA CYS B 446 15.94 -10.40 7.33
C CYS B 446 15.37 -11.28 6.21
N ALA B 447 14.05 -11.46 6.26
CA ALA B 447 13.34 -12.26 5.28
C ALA B 447 13.01 -11.55 3.97
N THR B 448 13.23 -10.23 3.86
CA THR B 448 12.92 -9.53 2.61
C THR B 448 13.87 -9.96 1.47
N SER B 449 13.36 -9.96 0.24
CA SER B 449 14.17 -10.30 -0.92
C SER B 449 15.39 -9.41 -0.98
N ILE B 450 15.23 -8.19 -0.47
CA ILE B 450 16.27 -7.16 -0.44
C ILE B 450 17.49 -7.57 0.40
N VAL B 451 17.27 -7.98 1.65
CA VAL B 451 18.37 -8.38 2.52
C VAL B 451 18.95 -9.74 2.11
N GLN B 452 18.09 -10.66 1.68
CA GLN B 452 18.51 -11.98 1.24
C GLN B 452 19.43 -11.84 0.02
N ASP B 453 19.05 -11.01 -0.95
CA ASP B 453 19.88 -10.79 -2.15
C ASP B 453 21.22 -10.19 -1.76
N ALA B 454 21.19 -9.18 -0.90
CA ALA B 454 22.44 -8.55 -0.47
C ALA B 454 23.34 -9.58 0.20
N TRP B 455 22.77 -10.40 1.08
CA TRP B 455 23.55 -11.38 1.81
C TRP B 455 24.19 -12.40 0.90
N ASP B 456 23.40 -13.08 0.08
CA ASP B 456 24.02 -14.04 -0.79
C ASP B 456 24.81 -13.44 -1.95
N ALA B 457 24.89 -12.11 -1.96
CA ALA B 457 25.70 -11.37 -2.93
C ALA B 457 27.02 -11.05 -2.20
N GLY B 458 27.10 -11.48 -0.95
CA GLY B 458 28.28 -11.26 -0.11
C GLY B 458 28.46 -9.85 0.38
N GLN B 459 27.38 -9.08 0.46
CA GLN B 459 27.42 -7.69 0.91
C GLN B 459 27.33 -7.64 2.45
N GLU B 460 28.23 -6.89 3.10
CA GLU B 460 28.23 -6.74 4.56
C GLU B 460 26.96 -6.03 4.96
N LEU B 461 26.08 -6.72 5.67
CA LEU B 461 24.82 -6.13 6.10
C LEU B 461 24.35 -6.77 7.40
N GLU B 462 24.45 -6.03 8.49
CA GLU B 462 24.03 -6.50 9.80
C GLU B 462 22.65 -5.95 10.15
N VAL B 463 21.75 -6.82 10.60
CA VAL B 463 20.42 -6.40 10.99
C VAL B 463 20.38 -6.45 12.51
N GLN B 464 20.29 -5.28 13.14
CA GLN B 464 20.30 -5.14 14.59
C GLN B 464 18.94 -4.76 15.17
N GLY B 465 18.62 -5.36 16.31
CA GLY B 465 17.37 -5.12 17.00
C GLY B 465 17.77 -4.36 18.24
N VAL B 466 16.99 -3.34 18.61
CA VAL B 466 17.32 -2.51 19.76
C VAL B 466 16.04 -1.96 20.41
N VAL B 467 16.08 -1.65 21.70
CA VAL B 467 14.92 -1.08 22.42
C VAL B 467 15.46 -0.22 23.55
N TYR B 468 14.68 0.76 23.99
CA TYR B 468 15.14 1.60 25.08
C TYR B 468 13.97 2.27 25.77
N GLY B 469 14.23 2.74 26.98
CA GLY B 469 13.24 3.45 27.77
C GLY B 469 13.76 4.89 27.79
N VAL B 470 12.87 5.85 27.56
CA VAL B 470 13.24 7.26 27.51
C VAL B 470 13.78 7.78 28.84
N GLY B 471 13.40 7.10 29.93
CA GLY B 471 13.86 7.47 31.26
C GLY B 471 15.36 7.36 31.41
N ASP B 472 16.01 6.55 30.59
CA ASP B 472 17.46 6.40 30.68
C ASP B 472 18.18 6.48 29.34
N GLY B 473 17.45 6.42 28.25
CA GLY B 473 18.07 6.49 26.93
C GLY B 473 19.12 5.44 26.61
N LYS B 474 19.08 4.33 27.35
CA LYS B 474 20.05 3.25 27.16
C LYS B 474 19.50 2.23 26.17
N LEU B 475 20.26 1.99 25.11
CA LEU B 475 19.85 1.01 24.11
C LEU B 475 20.06 -0.41 24.63
N ARG B 476 19.04 -1.23 24.50
CA ARG B 476 19.07 -2.61 24.94
C ARG B 476 19.01 -3.55 23.72
N ASP B 477 19.91 -4.52 23.70
CA ASP B 477 20.01 -5.48 22.60
C ASP B 477 18.85 -6.45 22.49
N MET B 478 18.24 -6.50 21.32
CA MET B 478 17.15 -7.44 21.08
C MET B 478 17.67 -8.55 20.15
N GLY B 479 18.90 -8.41 19.69
CA GLY B 479 19.49 -9.41 18.83
C GLY B 479 20.16 -8.77 17.62
N VAL B 480 21.01 -9.53 16.96
CA VAL B 480 21.68 -9.05 15.77
C VAL B 480 21.82 -10.28 14.86
N VAL B 481 21.72 -10.08 13.56
CA VAL B 481 21.85 -11.16 12.59
C VAL B 481 22.78 -10.66 11.50
N ALA B 482 23.91 -11.35 11.31
CA ALA B 482 24.89 -10.97 10.29
C ALA B 482 24.61 -11.64 8.96
N LYS B 483 23.97 -12.81 8.99
CA LYS B 483 23.66 -13.52 7.76
C LYS B 483 22.94 -14.80 8.13
N ALA B 484 21.86 -15.11 7.41
CA ALA B 484 21.07 -16.30 7.64
C ALA B 484 20.18 -16.55 6.43
N ASN B 485 20.44 -17.67 5.76
CA ASN B 485 19.68 -18.04 4.59
C ASN B 485 18.25 -18.33 4.99
N ASP B 486 17.31 -17.83 4.22
CA ASP B 486 15.93 -18.07 4.53
C ASP B 486 15.27 -19.05 3.57
N ASP B 487 16.05 -19.88 2.92
CA ASP B 487 15.48 -20.84 1.97
C ASP B 487 15.08 -22.17 2.62
N ILE B 488 13.87 -22.62 2.32
CA ILE B 488 13.38 -23.90 2.86
C ILE B 488 13.48 -24.93 1.76
N GLY B 489 12.97 -24.57 0.58
CA GLY B 489 12.97 -25.47 -0.57
C GLY B 489 11.82 -25.13 -1.52
ZN ZN C . -17.05 -0.80 -11.10
ZN ZN D . -3.83 -19.57 -6.76
ZN ZN E . 15.19 13.49 0.59
ZN ZN F . 6.17 4.26 19.74
#